data_3EI6
#
_entry.id   3EI6
#
_cell.length_a   102.670
_cell.length_b   102.670
_cell.length_c   172.145
_cell.angle_alpha   90.00
_cell.angle_beta   90.00
_cell.angle_gamma   120.00
#
_symmetry.space_group_name_H-M   'P 32 2 1'
#
loop_
_entity.id
_entity.type
_entity.pdbx_description
1 polymer 'LL-diaminopimelate aminotransferase'
2 non-polymer 'SULFATE ION'
3 non-polymer '(2S,6S)-2-amino-6-[({3-hydroxy-2-methyl-5-[(phosphonooxy)methyl]pyridin-4-yl}methyl)amino]heptanedioic acid'
4 non-polymer GLYCEROL
5 water water
#
_entity_poly.entity_id   1
_entity_poly.type   'polypeptide(L)'
_entity_poly.pdbx_seq_one_letter_code
;MAKRVNTCKCVATPQEKIEYKTKVSRNSNMSKLQAGYLFPEIARRRSAHLLKYPDAQVISLGIGDTTEPIPEVITSAMAK
KAHELSTIEGYSGYGAEQGAKPLRAAIAKTFYGGLGIGDDDVFVSDGAKCDISRLQVMFGSNVTIAVQDPSYPAYVDSSV
IMGQTGQFNTDVQKYGNIEYMRCTPENGFFPDLSTVGRTDIIFFCSPNNPTGAAATREQLTQLVEFAKKNGSIIVYDSAY
AMYMSDDNPRSIFEIPGAEEVAMETASFSKYAGFTGVRLGWTVIPKKLLYSDGFPVAKDFNRIICTCFNGASNISQAGAL
ACLTPEGLEAMHKVIGFYKENTNIIIDTFTSLGYDVYGGKNAPYVWVHFPNQSSWDVFAEILEKTHVVTTPGSGFGPGGE
GFVRVSAFGHRENILEACRRFKQLYKHHHHHH
;
_entity_poly.pdbx_strand_id   A,B
#
# COMPACT_ATOMS: atom_id res chain seq x y z
N GLU A 19 -32.71 -0.46 11.83
CA GLU A 19 -31.57 0.29 11.22
C GLU A 19 -31.55 0.11 9.69
N TYR A 20 -31.14 1.16 8.99
CA TYR A 20 -30.97 1.08 7.54
C TYR A 20 -29.77 0.20 7.21
N LYS A 21 -29.91 -0.63 6.17
CA LYS A 21 -28.77 -1.36 5.60
C LYS A 21 -28.78 -1.15 4.09
N THR A 22 -27.60 -1.10 3.46
CA THR A 22 -27.51 -1.10 2.00
C THR A 22 -27.97 -2.43 1.43
N LYS A 23 -28.03 -2.52 0.10
CA LYS A 23 -28.31 -3.77 -0.61
C LYS A 23 -27.03 -4.39 -1.19
N VAL A 24 -25.88 -3.96 -0.70
CA VAL A 24 -24.62 -4.51 -1.19
C VAL A 24 -24.29 -5.74 -0.38
N SER A 25 -24.02 -6.86 -1.06
CA SER A 25 -23.57 -8.08 -0.36
C SER A 25 -22.15 -7.96 0.17
N ARG A 26 -21.97 -8.40 1.41
CA ARG A 26 -20.63 -8.53 1.97
C ARG A 26 -19.78 -9.42 1.05
N ASN A 27 -18.53 -9.06 0.84
CA ASN A 27 -17.60 -9.90 0.09
C ASN A 27 -17.56 -11.30 0.73
N SER A 28 -17.98 -12.33 -0.01
CA SER A 28 -18.02 -13.69 0.56
C SER A 28 -16.64 -14.25 0.93
N ASN A 29 -15.57 -13.71 0.36
CA ASN A 29 -14.22 -14.08 0.76
C ASN A 29 -13.87 -13.58 2.17
N MET A 30 -14.39 -12.41 2.56
CA MET A 30 -14.17 -11.91 3.93
C MET A 30 -14.89 -12.77 4.93
N SER A 31 -16.06 -13.27 4.55
CA SER A 31 -16.89 -14.17 5.36
C SER A 31 -16.18 -15.48 5.66
N LYS A 32 -15.24 -15.87 4.81
CA LYS A 32 -14.52 -17.15 4.95
C LYS A 32 -13.52 -17.16 6.11
N LEU A 33 -12.99 -15.98 6.42
CA LEU A 33 -11.93 -15.87 7.42
C LEU A 33 -12.45 -16.36 8.76
N GLN A 34 -11.69 -17.25 9.39
CA GLN A 34 -12.16 -17.90 10.62
C GLN A 34 -12.07 -17.04 11.86
N ALA A 35 -11.09 -16.15 11.88
CA ALA A 35 -10.87 -15.27 13.01
C ALA A 35 -10.20 -13.99 12.53
N GLY A 36 -9.95 -13.06 13.46
CA GLY A 36 -9.16 -11.87 13.17
C GLY A 36 -7.71 -12.20 12.85
N TYR A 37 -6.97 -11.20 12.37
CA TYR A 37 -5.53 -11.36 12.08
C TYR A 37 -4.79 -11.64 13.40
N LEU A 38 -3.80 -12.54 13.35
CA LEU A 38 -3.16 -13.06 14.57
C LEU A 38 -2.60 -11.97 15.49
N PHE A 39 -1.87 -11.01 14.92
CA PHE A 39 -1.05 -10.11 15.72
C PHE A 39 -1.85 -9.08 16.55
N PRO A 40 -2.89 -8.46 15.95
CA PRO A 40 -3.82 -7.67 16.78
C PRO A 40 -4.47 -8.46 17.93
N GLU A 41 -4.76 -9.75 17.71
CA GLU A 41 -5.30 -10.61 18.78
C GLU A 41 -4.30 -10.84 19.93
N ILE A 42 -3.02 -11.00 19.59
CA ILE A 42 -1.95 -11.07 20.59
C ILE A 42 -1.89 -9.77 21.41
N ALA A 43 -1.95 -8.63 20.72
CA ALA A 43 -2.00 -7.33 21.40
C ALA A 43 -3.22 -7.25 22.35
N ARG A 44 -4.36 -7.79 21.93
CA ARG A 44 -5.57 -7.76 22.76
C ARG A 44 -5.53 -8.66 24.00
N ARG A 45 -4.93 -9.85 23.87
CA ARG A 45 -4.77 -10.74 25.03
C ARG A 45 -3.85 -10.10 26.04
N ARG A 46 -2.86 -9.36 25.56
CA ARG A 46 -1.93 -8.75 26.48
C ARG A 46 -2.61 -7.61 27.23
N SER A 47 -3.53 -6.92 26.56
CA SER A 47 -4.37 -5.88 27.18
C SER A 47 -5.31 -6.45 28.26
N ALA A 48 -5.95 -7.57 27.97
CA ALA A 48 -6.81 -8.26 28.95
C ALA A 48 -5.99 -8.73 30.16
N HIS A 49 -4.75 -9.15 29.90
CA HIS A 49 -3.87 -9.57 30.99
C HIS A 49 -3.54 -8.39 31.92
N LEU A 50 -3.30 -7.22 31.33
CA LEU A 50 -3.04 -6.02 32.12
C LEU A 50 -4.26 -5.56 32.93
N LEU A 51 -5.47 -5.82 32.44
CA LEU A 51 -6.65 -5.51 33.22
C LEU A 51 -6.75 -6.43 34.44
N LYS A 52 -6.32 -7.69 34.28
CA LYS A 52 -6.32 -8.66 35.38
C LYS A 52 -5.19 -8.42 36.39
N TYR A 53 -4.04 -7.96 35.90
CA TYR A 53 -2.86 -7.74 36.72
C TYR A 53 -2.32 -6.33 36.45
N PRO A 54 -3.00 -5.29 36.97
CA PRO A 54 -2.71 -3.87 36.65
C PRO A 54 -1.27 -3.43 36.91
N ASP A 55 -0.60 -4.11 37.83
CA ASP A 55 0.74 -3.73 38.26
C ASP A 55 1.83 -4.63 37.67
N ALA A 56 1.45 -5.53 36.75
CA ALA A 56 2.42 -6.42 36.11
C ALA A 56 3.42 -5.63 35.24
N GLN A 57 4.70 -6.00 35.34
CA GLN A 57 5.72 -5.49 34.44
C GLN A 57 5.78 -6.43 33.23
N VAL A 58 4.92 -6.17 32.25
CA VAL A 58 4.79 -7.06 31.08
C VAL A 58 6.00 -6.88 30.17
N ILE A 59 6.61 -8.00 29.75
CA ILE A 59 7.67 -7.98 28.73
C ILE A 59 7.17 -8.67 27.46
N SER A 60 7.28 -8.00 26.33
CA SER A 60 6.81 -8.60 25.09
C SER A 60 7.90 -9.28 24.26
N LEU A 61 7.77 -10.58 24.13
CA LEU A 61 8.58 -11.35 23.19
C LEU A 61 7.61 -12.01 22.20
N GLY A 62 6.50 -11.32 21.95
CA GLY A 62 5.41 -11.86 21.16
C GLY A 62 5.55 -11.36 19.75
N ILE A 63 4.80 -10.31 19.42
CA ILE A 63 4.91 -9.66 18.10
C ILE A 63 6.37 -9.30 17.81
N GLY A 64 6.85 -9.66 16.63
CA GLY A 64 8.26 -9.43 16.28
C GLY A 64 8.48 -7.99 15.85
N ASP A 65 8.67 -7.13 16.82
CA ASP A 65 8.75 -5.68 16.58
C ASP A 65 10.09 -5.21 17.06
N THR A 66 10.82 -4.49 16.21
CA THR A 66 12.16 -3.99 16.59
C THR A 66 12.02 -3.01 17.76
N THR A 67 13.06 -2.92 18.58
CA THR A 67 13.02 -2.09 19.77
C THR A 67 14.18 -1.10 19.91
N GLU A 68 15.28 -1.33 19.22
CA GLU A 68 16.44 -0.45 19.38
C GLU A 68 16.35 0.71 18.39
N PRO A 69 16.95 1.87 18.74
CA PRO A 69 16.87 3.01 17.84
C PRO A 69 17.49 2.75 16.46
N ILE A 70 17.03 3.49 15.46
CA ILE A 70 17.61 3.47 14.15
C ILE A 70 18.97 4.15 14.23
N PRO A 71 20.00 3.56 13.61
CA PRO A 71 21.32 4.22 13.57
C PRO A 71 21.24 5.67 13.07
N GLU A 72 22.03 6.55 13.70
CA GLU A 72 22.05 7.97 13.38
C GLU A 72 22.39 8.27 11.93
N VAL A 73 23.27 7.47 11.32
CA VAL A 73 23.62 7.71 9.91
C VAL A 73 22.37 7.63 9.02
N ILE A 74 21.43 6.75 9.38
CA ILE A 74 20.23 6.56 8.58
C ILE A 74 19.15 7.60 8.91
N THR A 75 18.94 7.87 10.19
CA THR A 75 17.97 8.93 10.52
C THR A 75 18.41 10.32 10.06
N SER A 76 19.72 10.60 10.08
CA SER A 76 20.24 11.87 9.55
C SER A 76 19.89 12.08 8.09
N ALA A 77 20.02 11.03 7.29
CA ALA A 77 19.67 11.10 5.87
C ALA A 77 18.17 11.42 5.69
N MET A 78 17.34 10.87 6.56
CA MET A 78 15.89 11.08 6.50
C MET A 78 15.53 12.51 6.88
N ALA A 79 16.12 13.02 7.98
CA ALA A 79 15.92 14.40 8.40
C ALA A 79 16.44 15.37 7.34
N LYS A 80 17.58 15.03 6.72
CA LYS A 80 18.11 15.86 5.63
C LYS A 80 17.12 15.92 4.47
N LYS A 81 16.55 14.78 4.08
CA LYS A 81 15.55 14.76 3.00
C LYS A 81 14.33 15.63 3.40
N ALA A 82 13.89 15.51 4.65
CA ALA A 82 12.75 16.31 5.14
C ALA A 82 13.06 17.79 4.99
N HIS A 83 14.25 18.21 5.44
CA HIS A 83 14.66 19.61 5.28
C HIS A 83 14.70 20.05 3.82
N GLU A 84 15.23 19.17 2.95
CA GLU A 84 15.28 19.47 1.50
C GLU A 84 13.92 19.72 0.91
N LEU A 85 12.90 19.03 1.42
CA LEU A 85 11.54 19.19 0.90
C LEU A 85 10.95 20.59 1.14
N SER A 86 11.55 21.36 2.05
CA SER A 86 11.08 22.74 2.27
C SER A 86 11.88 23.78 1.46
N THR A 87 12.76 23.29 0.57
CA THR A 87 13.54 24.17 -0.32
C THR A 87 13.09 24.04 -1.77
N ILE A 88 13.33 25.07 -2.59
CA ILE A 88 12.85 25.06 -3.97
C ILE A 88 13.59 24.00 -4.76
N GLU A 89 14.89 23.92 -4.52
CA GLU A 89 15.75 23.03 -5.28
C GLU A 89 15.61 21.56 -4.80
N GLY A 90 15.30 21.36 -3.53
CA GLY A 90 15.24 20.03 -2.95
C GLY A 90 13.86 19.40 -2.96
N TYR A 91 12.83 20.17 -3.28
CA TYR A 91 11.50 19.64 -3.22
C TYR A 91 11.28 18.61 -4.33
N SER A 92 10.60 17.51 -3.98
CA SER A 92 10.11 16.59 -5.01
C SER A 92 8.70 16.10 -4.68
N GLY A 93 7.89 15.96 -5.73
CA GLY A 93 6.50 15.52 -5.63
C GLY A 93 6.37 14.02 -5.81
N TYR A 94 5.48 13.59 -6.71
CA TYR A 94 5.35 12.16 -7.00
C TYR A 94 6.68 11.59 -7.47
N GLY A 95 6.99 10.38 -7.01
CA GLY A 95 8.11 9.66 -7.61
C GLY A 95 7.53 8.54 -8.46
N ALA A 96 8.35 8.00 -9.36
CA ALA A 96 7.99 6.76 -10.07
C ALA A 96 7.50 5.75 -9.04
N GLU A 97 6.40 5.08 -9.33
CA GLU A 97 5.84 4.10 -8.38
C GLU A 97 6.80 2.95 -8.08
N GLN A 98 7.67 2.64 -9.04
CA GLN A 98 8.64 1.54 -8.84
C GLN A 98 9.77 1.92 -7.89
N GLY A 99 9.91 3.20 -7.61
CA GLY A 99 10.97 3.67 -6.70
C GLY A 99 12.07 4.43 -7.42
N ALA A 100 12.78 5.29 -6.67
CA ALA A 100 13.89 6.07 -7.22
C ALA A 100 14.96 5.15 -7.87
N LYS A 101 15.39 5.52 -9.07
CA LYS A 101 16.39 4.73 -9.81
C LYS A 101 17.66 4.48 -8.99
N PRO A 102 18.21 5.52 -8.30
CA PRO A 102 19.42 5.20 -7.49
C PRO A 102 19.17 4.18 -6.40
N LEU A 103 17.95 4.14 -5.85
CA LEU A 103 17.65 3.16 -4.79
C LEU A 103 17.48 1.77 -5.39
N ARG A 104 16.78 1.69 -6.50
CA ARG A 104 16.65 0.42 -7.21
C ARG A 104 18.04 -0.10 -7.60
N ALA A 105 18.89 0.79 -8.10
CA ALA A 105 20.29 0.37 -8.44
C ALA A 105 21.09 -0.11 -7.22
N ALA A 106 20.98 0.58 -6.08
CA ALA A 106 21.68 0.20 -4.85
C ALA A 106 21.21 -1.17 -4.34
N ILE A 107 19.90 -1.38 -4.34
CA ILE A 107 19.35 -2.68 -3.92
C ILE A 107 19.82 -3.81 -4.86
N ALA A 108 19.72 -3.56 -6.17
CA ALA A 108 20.14 -4.57 -7.16
C ALA A 108 21.61 -4.97 -6.95
N LYS A 109 22.50 -4.00 -6.78
CA LYS A 109 23.91 -4.31 -6.62
C LYS A 109 24.26 -4.89 -5.25
N THR A 110 23.70 -4.32 -4.18
CA THR A 110 24.10 -4.70 -2.82
C THR A 110 23.66 -6.13 -2.51
N PHE A 111 22.43 -6.48 -2.91
CA PHE A 111 21.87 -7.77 -2.51
C PHE A 111 21.86 -8.84 -3.60
N TYR A 112 22.00 -8.44 -4.87
CA TYR A 112 21.88 -9.37 -5.99
C TYR A 112 23.01 -9.20 -7.01
N GLY A 113 24.07 -8.51 -6.63
CA GLY A 113 25.23 -8.32 -7.50
C GLY A 113 25.79 -9.69 -7.92
N GLY A 114 25.90 -9.89 -9.22
CA GLY A 114 26.39 -11.19 -9.75
C GLY A 114 25.28 -12.19 -9.98
N LEU A 115 24.05 -11.83 -9.62
CA LEU A 115 22.96 -12.80 -9.79
C LEU A 115 22.08 -12.48 -10.99
N GLY A 116 22.50 -11.53 -11.80
CA GLY A 116 21.79 -11.24 -13.05
C GLY A 116 20.53 -10.42 -12.89
N ILE A 117 20.42 -9.68 -11.80
CA ILE A 117 19.26 -8.81 -11.51
C ILE A 117 19.62 -7.40 -11.93
N GLY A 118 18.78 -6.79 -12.78
CA GLY A 118 18.97 -5.38 -13.19
C GLY A 118 18.17 -4.45 -12.30
N ASP A 119 18.50 -3.16 -12.36
CA ASP A 119 17.77 -2.12 -11.64
C ASP A 119 16.26 -2.18 -11.93
N ASP A 120 15.88 -2.47 -13.18
CA ASP A 120 14.47 -2.51 -13.59
C ASP A 120 13.69 -3.74 -13.12
N ASP A 121 14.39 -4.71 -12.53
CA ASP A 121 13.75 -5.89 -11.96
C ASP A 121 13.32 -5.62 -10.50
N VAL A 122 13.76 -4.48 -9.95
CA VAL A 122 13.54 -4.14 -8.52
C VAL A 122 12.34 -3.18 -8.37
N PHE A 123 11.40 -3.51 -7.49
CA PHE A 123 10.23 -2.67 -7.25
C PHE A 123 10.25 -2.26 -5.76
N VAL A 124 10.42 -0.97 -5.49
CA VAL A 124 10.48 -0.45 -4.09
C VAL A 124 9.05 -0.30 -3.53
N SER A 125 8.81 -0.87 -2.36
CA SER A 125 7.51 -0.85 -1.70
C SER A 125 7.58 -0.15 -0.36
N ASP A 126 6.40 0.02 0.26
CA ASP A 126 6.32 0.43 1.67
C ASP A 126 6.29 -0.80 2.59
N GLY A 127 6.88 -1.90 2.14
CA GLY A 127 7.11 -3.04 3.03
C GLY A 127 6.62 -4.36 2.47
N ALA A 128 7.18 -5.45 2.99
CA ALA A 128 6.93 -6.77 2.44
C ALA A 128 5.47 -7.22 2.64
N LYS A 129 4.86 -6.85 3.77
CA LYS A 129 3.43 -7.17 3.98
C LYS A 129 2.55 -6.61 2.84
N CYS A 130 2.78 -5.36 2.45
CA CYS A 130 1.98 -4.76 1.41
C CYS A 130 2.29 -5.40 0.04
N ASP A 131 3.55 -5.72 -0.24
CA ASP A 131 3.90 -6.44 -1.47
C ASP A 131 3.24 -7.81 -1.59
N ILE A 132 3.16 -8.55 -0.49
CA ILE A 132 2.47 -9.82 -0.51
C ILE A 132 1.02 -9.64 -1.00
N SER A 133 0.31 -8.65 -0.46
CA SER A 133 -1.07 -8.46 -0.89
C SER A 133 -1.20 -7.90 -2.33
N ARG A 134 -0.26 -7.06 -2.75
CA ARG A 134 -0.26 -6.60 -4.14
C ARG A 134 0.05 -7.72 -5.13
N LEU A 135 0.99 -8.61 -4.77
CA LEU A 135 1.23 -9.83 -5.58
C LEU A 135 -0.02 -10.68 -5.71
N GLN A 136 -0.75 -10.82 -4.59
CA GLN A 136 -1.96 -11.63 -4.57
C GLN A 136 -3.07 -11.03 -5.46
N VAL A 137 -3.20 -9.71 -5.44
CA VAL A 137 -4.07 -9.03 -6.41
C VAL A 137 -3.65 -9.33 -7.86
N MET A 138 -2.36 -9.22 -8.15
CA MET A 138 -1.83 -9.55 -9.46
C MET A 138 -2.15 -10.98 -9.88
N PHE A 139 -1.89 -11.96 -9.02
CA PHE A 139 -2.13 -13.38 -9.37
C PHE A 139 -3.63 -13.65 -9.55
N GLY A 140 -4.43 -12.99 -8.70
CA GLY A 140 -5.89 -13.07 -8.80
C GLY A 140 -6.52 -14.25 -8.09
N SER A 141 -7.84 -14.40 -8.29
CA SER A 141 -8.63 -15.36 -7.52
C SER A 141 -8.46 -16.81 -8.01
N ASN A 142 -7.92 -17.00 -9.20
CA ASN A 142 -7.91 -18.33 -9.84
C ASN A 142 -6.65 -19.15 -9.68
N VAL A 143 -5.67 -18.66 -8.92
CA VAL A 143 -4.47 -19.48 -8.68
C VAL A 143 -4.63 -20.28 -7.39
N THR A 144 -3.94 -21.42 -7.30
CA THR A 144 -3.85 -22.15 -6.04
C THR A 144 -2.48 -21.89 -5.46
N ILE A 145 -2.41 -21.92 -4.14
CA ILE A 145 -1.15 -21.65 -3.44
C ILE A 145 -0.72 -22.79 -2.53
N ALA A 146 0.60 -22.86 -2.31
CA ALA A 146 1.23 -23.67 -1.29
C ALA A 146 1.95 -22.75 -0.31
N VAL A 147 1.93 -23.15 0.96
CA VAL A 147 2.64 -22.42 2.01
C VAL A 147 3.36 -23.42 2.88
N GLN A 148 4.44 -22.96 3.52
CA GLN A 148 5.01 -23.72 4.62
C GLN A 148 3.99 -23.81 5.76
N ASP A 149 4.05 -24.90 6.48
CA ASP A 149 3.15 -25.09 7.60
C ASP A 149 4.04 -25.53 8.77
N PRO A 150 4.39 -24.59 9.68
CA PRO A 150 3.84 -23.23 9.82
C PRO A 150 4.47 -22.13 8.94
N SER A 151 3.76 -21.01 8.79
CA SER A 151 4.35 -19.83 8.20
C SER A 151 3.60 -18.58 8.65
N TYR A 152 4.25 -17.45 8.42
CA TYR A 152 3.67 -16.12 8.63
C TYR A 152 2.23 -16.07 8.07
N PRO A 153 1.24 -15.72 8.92
CA PRO A 153 -0.17 -15.84 8.54
C PRO A 153 -0.71 -14.95 7.40
N ALA A 154 0.05 -13.92 7.00
CA ALA A 154 -0.40 -13.05 5.90
C ALA A 154 -0.53 -13.80 4.57
N TYR A 155 0.32 -14.80 4.31
CA TYR A 155 0.23 -15.55 3.05
C TYR A 155 -1.14 -16.21 2.92
N VAL A 156 -1.53 -16.98 3.94
CA VAL A 156 -2.83 -17.66 3.96
C VAL A 156 -3.97 -16.65 3.96
N ASP A 157 -3.91 -15.67 4.85
CA ASP A 157 -5.03 -14.73 4.99
C ASP A 157 -5.24 -13.95 3.71
N SER A 158 -4.16 -13.51 3.06
CA SER A 158 -4.30 -12.80 1.80
C SER A 158 -4.88 -13.70 0.71
N SER A 159 -4.50 -14.98 0.71
CA SER A 159 -5.07 -15.96 -0.23
C SER A 159 -6.62 -16.08 -0.07
N VAL A 160 -7.08 -16.18 1.18
CA VAL A 160 -8.51 -16.28 1.48
C VAL A 160 -9.25 -15.01 0.99
N ILE A 161 -8.71 -13.84 1.33
CA ILE A 161 -9.28 -12.56 0.92
C ILE A 161 -9.39 -12.44 -0.62
N MET A 162 -8.39 -12.93 -1.34
CA MET A 162 -8.42 -12.90 -2.82
C MET A 162 -9.30 -13.96 -3.47
N GLY A 163 -9.86 -14.89 -2.71
CA GLY A 163 -10.76 -15.85 -3.32
C GLY A 163 -10.11 -17.13 -3.82
N GLN A 164 -8.87 -17.38 -3.38
CA GLN A 164 -8.09 -18.52 -3.86
C GLN A 164 -8.38 -19.81 -3.09
N THR A 165 -9.25 -19.72 -2.09
CA THR A 165 -9.44 -20.82 -1.16
C THR A 165 -10.90 -21.26 -1.05
N GLY A 166 -11.08 -22.43 -0.44
CA GLY A 166 -12.42 -22.79 0.05
C GLY A 166 -12.64 -22.31 1.47
N GLN A 167 -13.64 -22.87 2.13
CA GLN A 167 -13.95 -22.56 3.53
C GLN A 167 -12.93 -23.17 4.48
N PHE A 168 -12.89 -22.64 5.70
CA PHE A 168 -12.05 -23.20 6.74
C PHE A 168 -12.66 -24.51 7.23
N ASN A 169 -11.82 -25.53 7.35
CA ASN A 169 -12.25 -26.83 7.88
C ASN A 169 -11.69 -26.95 9.30
N THR A 170 -12.58 -26.99 10.30
CA THR A 170 -12.13 -26.97 11.70
C THR A 170 -11.58 -28.31 12.19
N ASP A 171 -11.89 -29.40 11.49
CA ASP A 171 -11.34 -30.72 11.81
C ASP A 171 -9.83 -30.72 11.66
N VAL A 172 -9.33 -30.15 10.57
CA VAL A 172 -7.91 -30.16 10.26
C VAL A 172 -7.26 -28.77 10.40
N GLN A 173 -8.04 -27.77 10.78
CA GLN A 173 -7.57 -26.40 10.96
C GLN A 173 -6.90 -25.80 9.71
N LYS A 174 -7.52 -26.02 8.55
CA LYS A 174 -6.97 -25.57 7.26
C LYS A 174 -8.08 -24.98 6.37
N TYR A 175 -7.74 -23.95 5.60
CA TYR A 175 -8.62 -23.51 4.54
C TYR A 175 -8.51 -24.48 3.36
N GLY A 176 -9.65 -24.79 2.76
CA GLY A 176 -9.72 -25.64 1.54
C GLY A 176 -8.87 -25.10 0.39
N ASN A 177 -8.25 -25.99 -0.38
CA ASN A 177 -7.58 -25.63 -1.63
C ASN A 177 -6.18 -25.01 -1.45
N ILE A 178 -5.74 -24.85 -0.20
CA ILE A 178 -4.35 -24.46 0.07
C ILE A 178 -3.49 -25.71 0.34
N GLU A 179 -2.31 -25.78 -0.27
CA GLU A 179 -1.39 -26.88 -0.01
C GLU A 179 -0.49 -26.49 1.17
N TYR A 180 -0.73 -27.08 2.33
CA TYR A 180 0.06 -26.77 3.52
C TYR A 180 1.21 -27.76 3.59
N MET A 181 2.44 -27.26 3.40
CA MET A 181 3.63 -28.10 3.34
C MET A 181 4.22 -28.22 4.73
N ARG A 182 4.03 -29.37 5.37
CA ARG A 182 4.45 -29.51 6.77
C ARG A 182 5.97 -29.47 6.94
N CYS A 183 6.42 -28.61 7.86
CA CYS A 183 7.82 -28.43 8.21
C CYS A 183 7.95 -28.79 9.69
N THR A 184 8.70 -29.86 9.99
CA THR A 184 8.69 -30.48 11.33
C THR A 184 10.13 -30.80 11.76
N PRO A 185 10.36 -31.06 13.07
CA PRO A 185 11.70 -31.53 13.46
C PRO A 185 12.14 -32.78 12.68
N GLU A 186 11.20 -33.68 12.38
CA GLU A 186 11.46 -34.94 11.68
C GLU A 186 11.82 -34.81 10.20
N ASN A 187 11.50 -33.67 9.58
CA ASN A 187 12.00 -33.43 8.22
C ASN A 187 12.98 -32.26 8.13
N GLY A 188 13.50 -31.83 9.28
CA GLY A 188 14.45 -30.74 9.30
C GLY A 188 13.83 -29.41 8.89
N PHE A 189 12.53 -29.27 9.13
CA PHE A 189 11.79 -28.02 8.85
C PHE A 189 11.83 -27.61 7.37
N PHE A 190 11.90 -28.61 6.49
CA PHE A 190 11.86 -28.40 5.05
C PHE A 190 10.85 -29.41 4.51
N PRO A 191 9.95 -28.97 3.61
CA PRO A 191 8.90 -29.86 3.12
C PRO A 191 9.49 -31.11 2.48
N ASP A 192 8.82 -32.22 2.69
CA ASP A 192 9.07 -33.39 1.86
C ASP A 192 8.35 -33.17 0.53
N LEU A 193 9.09 -32.65 -0.44
CA LEU A 193 8.53 -32.19 -1.72
C LEU A 193 7.90 -33.29 -2.58
N SER A 194 8.41 -34.52 -2.49
CA SER A 194 7.79 -35.67 -3.18
C SER A 194 6.35 -35.92 -2.71
N THR A 195 5.98 -35.37 -1.55
CA THR A 195 4.61 -35.48 -1.01
C THR A 195 3.74 -34.22 -1.23
N VAL A 196 4.30 -33.19 -1.86
CA VAL A 196 3.57 -31.94 -2.04
C VAL A 196 2.86 -31.89 -3.39
N GLY A 197 1.53 -31.66 -3.36
CA GLY A 197 0.75 -31.53 -4.58
C GLY A 197 1.08 -30.27 -5.37
N ARG A 198 0.81 -30.29 -6.67
CA ARG A 198 1.15 -29.16 -7.52
C ARG A 198 0.21 -27.98 -7.21
N THR A 199 0.77 -26.79 -7.18
CA THR A 199 -0.02 -25.56 -7.07
C THR A 199 0.55 -24.55 -8.06
N ASP A 200 -0.13 -23.42 -8.24
CA ASP A 200 0.41 -22.37 -9.08
C ASP A 200 1.52 -21.60 -8.40
N ILE A 201 1.30 -21.25 -7.13
CA ILE A 201 2.24 -20.37 -6.42
C ILE A 201 2.75 -21.13 -5.22
N ILE A 202 4.01 -20.92 -4.88
CA ILE A 202 4.57 -21.49 -3.64
C ILE A 202 5.17 -20.33 -2.83
N PHE A 203 4.56 -20.02 -1.70
CA PHE A 203 5.13 -19.03 -0.77
C PHE A 203 6.19 -19.74 0.07
N PHE A 204 7.41 -19.21 0.03
CA PHE A 204 8.49 -19.86 0.76
C PHE A 204 9.36 -18.81 1.48
N CYS A 205 9.37 -18.89 2.80
CA CYS A 205 10.09 -17.91 3.63
C CYS A 205 11.32 -18.57 4.21
N SER A 206 12.49 -17.94 4.02
CA SER A 206 13.79 -18.49 4.51
C SER A 206 14.78 -17.35 4.72
N PRO A 207 15.32 -17.21 5.94
CA PRO A 207 15.02 -17.97 7.16
C PRO A 207 13.53 -17.85 7.49
N ASN A 208 12.94 -18.96 7.94
CA ASN A 208 11.49 -19.01 8.12
C ASN A 208 11.01 -18.31 9.39
N ASN A 209 9.88 -17.64 9.26
CA ASN A 209 9.09 -17.20 10.41
C ASN A 209 7.86 -18.13 10.45
N PRO A 210 7.63 -18.87 11.56
CA PRO A 210 8.14 -18.83 12.93
C PRO A 210 9.33 -19.73 13.31
N THR A 211 9.70 -20.68 12.44
CA THR A 211 10.58 -21.77 12.88
C THR A 211 12.03 -21.34 13.01
N GLY A 212 12.38 -20.27 12.31
CA GLY A 212 13.78 -19.85 12.19
C GLY A 212 14.64 -20.66 11.21
N ALA A 213 14.05 -21.67 10.59
CA ALA A 213 14.83 -22.58 9.72
C ALA A 213 15.24 -21.88 8.43
N ALA A 214 16.53 -21.96 8.11
CA ALA A 214 17.03 -21.49 6.83
C ALA A 214 17.34 -22.69 5.93
N ALA A 215 16.77 -22.67 4.72
CA ALA A 215 17.00 -23.72 3.76
C ALA A 215 18.44 -23.71 3.26
N THR A 216 19.00 -24.90 3.06
CA THR A 216 20.35 -25.03 2.52
C THR A 216 20.36 -24.86 1.00
N ARG A 217 21.56 -24.74 0.43
CA ARG A 217 21.70 -24.68 -1.02
C ARG A 217 21.07 -25.90 -1.68
N GLU A 218 21.27 -27.08 -1.09
CA GLU A 218 20.71 -28.29 -1.65
C GLU A 218 19.15 -28.31 -1.59
N GLN A 219 18.58 -27.84 -0.48
CA GLN A 219 17.11 -27.77 -0.35
C GLN A 219 16.49 -26.75 -1.31
N LEU A 220 17.10 -25.58 -1.40
CA LEU A 220 16.63 -24.56 -2.35
C LEU A 220 16.76 -25.02 -3.80
N THR A 221 17.82 -25.79 -4.10
CA THR A 221 17.94 -26.42 -5.40
C THR A 221 16.76 -27.37 -5.68
N GLN A 222 16.42 -28.20 -4.68
CA GLN A 222 15.24 -29.07 -4.77
C GLN A 222 13.96 -28.25 -5.00
N LEU A 223 13.85 -27.13 -4.27
CA LEU A 223 12.66 -26.26 -4.42
C LEU A 223 12.49 -25.70 -5.86
N VAL A 224 13.58 -25.19 -6.43
CA VAL A 224 13.57 -24.67 -7.79
C VAL A 224 13.28 -25.78 -8.79
N GLU A 225 13.88 -26.95 -8.60
CA GLU A 225 13.64 -28.08 -9.51
C GLU A 225 12.17 -28.51 -9.46
N PHE A 226 11.61 -28.55 -8.25
CA PHE A 226 10.18 -28.84 -8.02
C PHE A 226 9.27 -27.82 -8.75
N ALA A 227 9.55 -26.52 -8.56
CA ALA A 227 8.78 -25.46 -9.22
C ALA A 227 8.89 -25.55 -10.74
N LYS A 228 10.10 -25.86 -11.23
CA LYS A 228 10.33 -25.97 -12.67
C LYS A 228 9.53 -27.13 -13.27
N LYS A 229 9.54 -28.29 -12.61
CA LYS A 229 8.81 -29.42 -13.17
C LYS A 229 7.29 -29.22 -13.05
N ASN A 230 6.83 -28.54 -11.99
CA ASN A 230 5.41 -28.27 -11.78
C ASN A 230 4.91 -27.02 -12.51
N GLY A 231 5.83 -26.23 -13.03
CA GLY A 231 5.50 -24.99 -13.74
C GLY A 231 4.89 -24.02 -12.72
N SER A 232 5.49 -23.97 -11.52
CA SER A 232 4.99 -23.07 -10.46
C SER A 232 5.85 -21.82 -10.33
N ILE A 233 5.28 -20.80 -9.68
CA ILE A 233 6.02 -19.59 -9.29
C ILE A 233 6.31 -19.60 -7.79
N ILE A 234 7.57 -19.41 -7.42
CA ILE A 234 7.94 -19.31 -6.00
C ILE A 234 7.96 -17.84 -5.62
N VAL A 235 7.28 -17.49 -4.55
CA VAL A 235 7.41 -16.15 -3.94
C VAL A 235 8.30 -16.36 -2.73
N TYR A 236 9.53 -15.90 -2.84
CA TYR A 236 10.54 -16.17 -1.80
C TYR A 236 10.66 -14.97 -0.88
N ASP A 237 10.36 -15.18 0.40
CA ASP A 237 10.37 -14.10 1.38
C ASP A 237 11.70 -14.15 2.14
N SER A 238 12.57 -13.19 1.85
CA SER A 238 13.90 -13.17 2.45
C SER A 238 14.01 -12.08 3.53
N ALA A 239 12.89 -11.74 4.18
CA ALA A 239 12.85 -10.71 5.23
C ALA A 239 13.93 -10.88 6.32
N TYR A 240 14.35 -12.12 6.60
CA TYR A 240 15.34 -12.35 7.66
C TYR A 240 16.70 -12.84 7.15
N ALA A 241 16.94 -12.76 5.83
CA ALA A 241 18.17 -13.30 5.23
C ALA A 241 19.46 -12.77 5.88
N MET A 242 19.47 -11.50 6.27
CA MET A 242 20.68 -10.96 6.89
C MET A 242 20.99 -11.42 8.31
N TYR A 243 20.07 -12.20 8.90
CA TYR A 243 20.32 -12.88 10.16
C TYR A 243 21.05 -14.22 9.96
N MET A 244 21.36 -14.57 8.71
CA MET A 244 22.01 -15.85 8.40
C MET A 244 23.38 -15.95 9.11
N SER A 245 23.59 -17.07 9.81
CA SER A 245 24.90 -17.41 10.39
C SER A 245 25.52 -18.59 9.64
N ASP A 246 24.74 -19.64 9.39
CA ASP A 246 25.18 -20.80 8.60
C ASP A 246 25.51 -20.36 7.16
N ASP A 247 26.31 -21.16 6.46
CA ASP A 247 26.68 -20.84 5.08
C ASP A 247 25.59 -21.30 4.10
N ASN A 248 24.43 -20.64 4.16
CA ASN A 248 23.31 -20.91 3.27
C ASN A 248 23.02 -19.71 2.37
N PRO A 249 22.41 -19.95 1.19
CA PRO A 249 22.08 -18.81 0.34
C PRO A 249 21.10 -17.84 1.03
N ARG A 250 21.33 -16.57 0.78
CA ARG A 250 20.47 -15.48 1.25
C ARG A 250 19.39 -15.07 0.24
N SER A 251 19.64 -15.31 -1.04
CA SER A 251 18.64 -15.04 -2.09
C SER A 251 18.39 -16.30 -2.89
N ILE A 252 17.13 -16.51 -3.27
CA ILE A 252 16.76 -17.61 -4.17
C ILE A 252 17.49 -17.51 -5.52
N PHE A 253 17.89 -16.30 -5.93
CA PHE A 253 18.57 -16.13 -7.23
C PHE A 253 20.00 -16.67 -7.27
N GLU A 254 20.51 -17.08 -6.10
CA GLU A 254 21.76 -17.83 -6.02
C GLU A 254 21.64 -19.24 -6.60
N ILE A 255 20.39 -19.70 -6.79
CA ILE A 255 20.14 -21.02 -7.38
C ILE A 255 19.96 -20.90 -8.89
N PRO A 256 20.91 -21.48 -9.68
CA PRO A 256 20.73 -21.45 -11.14
C PRO A 256 19.36 -22.02 -11.53
N GLY A 257 18.65 -21.30 -12.39
CA GLY A 257 17.29 -21.67 -12.77
C GLY A 257 16.20 -20.91 -12.04
N ALA A 258 16.54 -20.29 -10.90
CA ALA A 258 15.53 -19.58 -10.10
C ALA A 258 14.89 -18.45 -10.89
N GLU A 259 15.63 -17.85 -11.81
CA GLU A 259 15.12 -16.74 -12.60
C GLU A 259 13.95 -17.11 -13.55
N GLU A 260 13.72 -18.40 -13.77
CA GLU A 260 12.61 -18.86 -14.60
C GLU A 260 11.34 -19.17 -13.78
N VAL A 261 11.46 -19.26 -12.47
CA VAL A 261 10.36 -19.70 -11.60
C VAL A 261 10.15 -18.90 -10.32
N ALA A 262 11.04 -17.96 -9.99
CA ALA A 262 10.99 -17.31 -8.67
C ALA A 262 11.02 -15.80 -8.71
N MET A 263 10.37 -15.21 -7.72
CA MET A 263 10.55 -13.81 -7.37
C MET A 263 10.88 -13.72 -5.88
N GLU A 264 11.29 -12.55 -5.42
CA GLU A 264 11.75 -12.40 -4.06
C GLU A 264 11.22 -11.09 -3.47
N THR A 265 10.80 -11.16 -2.21
CA THR A 265 10.28 -10.01 -1.49
C THR A 265 11.11 -9.86 -0.20
N ALA A 266 11.42 -8.62 0.16
CA ALA A 266 12.29 -8.32 1.30
C ALA A 266 11.94 -6.97 1.90
N SER A 267 12.59 -6.63 3.00
CA SER A 267 12.23 -5.41 3.73
C SER A 267 13.43 -4.87 4.49
N PHE A 268 13.45 -3.57 4.73
CA PHE A 268 14.39 -3.02 5.70
C PHE A 268 13.88 -3.09 7.15
N SER A 269 12.66 -3.55 7.36
CA SER A 269 12.07 -3.51 8.72
C SER A 269 12.99 -4.08 9.80
N LYS A 270 13.45 -5.31 9.59
CA LYS A 270 14.21 -6.06 10.61
C LYS A 270 15.73 -5.83 10.51
N TYR A 271 16.13 -5.00 9.54
CA TYR A 271 17.54 -4.70 9.27
C TYR A 271 17.95 -3.35 9.84
N ALA A 272 17.09 -2.35 9.64
CA ALA A 272 17.36 -0.98 10.12
C ALA A 272 16.35 -0.51 11.18
N GLY A 273 15.45 -1.40 11.62
CA GLY A 273 14.36 -1.01 12.53
C GLY A 273 13.29 -0.16 11.85
N PHE A 274 13.06 -0.42 10.55
CA PHE A 274 12.12 0.37 9.71
C PHE A 274 10.67 -0.12 9.81
N THR A 275 10.35 -0.86 10.86
CA THR A 275 8.99 -1.43 11.03
C THR A 275 7.91 -0.33 10.96
N GLY A 276 8.21 0.86 11.47
CA GLY A 276 7.26 1.99 11.40
C GLY A 276 7.59 2.99 10.30
N VAL A 277 8.82 2.92 9.77
CA VAL A 277 9.26 3.84 8.69
C VAL A 277 8.72 3.41 7.33
N ARG A 278 8.74 2.09 7.07
CA ARG A 278 8.07 1.46 5.91
C ARG A 278 8.87 1.52 4.59
N LEU A 279 9.67 0.48 4.34
CA LEU A 279 10.40 0.38 3.06
C LEU A 279 10.85 -1.07 2.79
N GLY A 280 10.42 -1.62 1.66
CA GLY A 280 10.87 -2.95 1.27
C GLY A 280 11.04 -2.95 -0.25
N TRP A 281 11.17 -4.14 -0.82
CA TRP A 281 11.24 -4.26 -2.27
C TRP A 281 10.84 -5.66 -2.69
N THR A 282 10.53 -5.80 -3.97
CA THR A 282 10.27 -7.10 -4.60
C THR A 282 11.15 -7.16 -5.85
N VAL A 283 11.69 -8.33 -6.13
CA VAL A 283 12.50 -8.54 -7.32
C VAL A 283 11.78 -9.53 -8.21
N ILE A 284 11.52 -9.12 -9.45
CA ILE A 284 10.91 -10.06 -10.42
C ILE A 284 11.78 -10.14 -11.67
N PRO A 285 12.39 -11.33 -11.91
CA PRO A 285 13.35 -11.43 -13.03
C PRO A 285 12.66 -11.46 -14.38
N LYS A 286 13.39 -11.01 -15.41
CA LYS A 286 12.90 -10.99 -16.78
C LYS A 286 12.43 -12.35 -17.34
N LYS A 287 13.00 -13.45 -16.86
CA LYS A 287 12.70 -14.76 -17.43
C LYS A 287 11.51 -15.46 -16.77
N LEU A 288 10.87 -14.80 -15.81
CA LEU A 288 9.66 -15.35 -15.17
C LEU A 288 8.43 -15.05 -16.03
N LEU A 289 7.85 -16.10 -16.62
CA LEU A 289 6.75 -15.97 -17.59
C LEU A 289 5.53 -16.78 -17.20
N TYR A 290 4.36 -16.21 -17.47
CA TYR A 290 3.11 -16.95 -17.39
C TYR A 290 3.04 -17.98 -18.51
N SER A 291 2.07 -18.90 -18.42
CA SER A 291 1.90 -19.97 -19.40
C SER A 291 1.75 -19.54 -20.86
N ASP A 292 1.30 -18.30 -21.10
CA ASP A 292 1.19 -17.77 -22.47
C ASP A 292 2.42 -16.96 -22.89
N GLY A 293 3.46 -16.95 -22.05
CA GLY A 293 4.70 -16.27 -22.40
C GLY A 293 4.76 -14.83 -21.93
N PHE A 294 3.69 -14.34 -21.33
CA PHE A 294 3.66 -12.94 -20.86
C PHE A 294 4.53 -12.81 -19.59
N PRO A 295 5.43 -11.81 -19.55
CA PRO A 295 6.27 -11.65 -18.38
C PRO A 295 5.51 -11.16 -17.15
N VAL A 296 5.68 -11.91 -16.06
CA VAL A 296 5.05 -11.58 -14.78
C VAL A 296 5.36 -10.14 -14.29
N ALA A 297 6.60 -9.69 -14.51
CA ALA A 297 7.03 -8.36 -14.07
C ALA A 297 6.19 -7.23 -14.69
N LYS A 298 5.74 -7.43 -15.94
CA LYS A 298 4.92 -6.41 -16.60
C LYS A 298 3.55 -6.28 -15.94
N ASP A 299 2.97 -7.39 -15.49
CA ASP A 299 1.72 -7.31 -14.73
C ASP A 299 1.93 -6.72 -13.35
N PHE A 300 3.04 -7.08 -12.69
CA PHE A 300 3.30 -6.46 -11.40
C PHE A 300 3.45 -4.97 -11.57
N ASN A 301 4.14 -4.58 -12.63
CA ASN A 301 4.35 -3.16 -12.88
C ASN A 301 3.01 -2.42 -13.04
N ARG A 302 2.07 -3.02 -13.79
CA ARG A 302 0.71 -2.46 -13.89
C ARG A 302 0.03 -2.33 -12.51
N ILE A 303 0.13 -3.36 -11.66
CA ILE A 303 -0.46 -3.30 -10.30
C ILE A 303 0.14 -2.15 -9.51
N ILE A 304 1.46 -2.05 -9.52
CA ILE A 304 2.05 -1.01 -8.68
C ILE A 304 1.80 0.41 -9.25
N CYS A 305 1.67 0.55 -10.57
CA CYS A 305 1.31 1.85 -11.16
C CYS A 305 -0.16 2.23 -10.98
N THR A 306 -1.01 1.26 -10.69
CA THR A 306 -2.45 1.51 -10.59
C THR A 306 -2.96 1.52 -9.15
N CYS A 307 -2.34 0.70 -8.29
CA CYS A 307 -2.84 0.43 -6.94
C CYS A 307 -1.99 1.04 -5.84
N PHE A 308 -0.94 1.76 -6.22
CA PHE A 308 0.09 2.26 -5.31
C PHE A 308 0.64 3.56 -5.90
N ASN A 309 1.13 4.45 -5.05
CA ASN A 309 1.68 5.72 -5.53
C ASN A 309 3.16 5.92 -5.14
N GLY A 310 3.81 4.83 -4.74
CA GLY A 310 5.25 4.86 -4.42
C GLY A 310 5.48 4.87 -2.91
N ALA A 311 6.66 4.40 -2.48
CA ALA A 311 7.07 4.47 -1.09
C ALA A 311 7.39 5.92 -0.73
N SER A 312 7.30 6.27 0.55
CA SER A 312 7.59 7.62 0.98
C SER A 312 9.00 8.05 0.53
N ASN A 313 9.12 9.30 0.06
CA ASN A 313 10.39 9.81 -0.42
C ASN A 313 11.44 9.90 0.69
N ILE A 314 10.96 10.15 1.91
CA ILE A 314 11.82 10.18 3.10
C ILE A 314 12.34 8.77 3.46
N SER A 315 11.44 7.79 3.41
CA SER A 315 11.81 6.39 3.63
C SER A 315 12.82 5.89 2.59
N GLN A 316 12.61 6.24 1.33
CA GLN A 316 13.57 5.88 0.26
C GLN A 316 14.95 6.51 0.50
N ALA A 317 14.96 7.78 0.94
CA ALA A 317 16.24 8.43 1.32
C ALA A 317 16.94 7.71 2.47
N GLY A 318 16.18 7.24 3.45
CA GLY A 318 16.77 6.48 4.54
C GLY A 318 17.32 5.17 4.04
N ALA A 319 16.54 4.49 3.17
CA ALA A 319 17.02 3.21 2.61
C ALA A 319 18.27 3.38 1.76
N LEU A 320 18.36 4.48 1.02
CA LEU A 320 19.56 4.74 0.21
C LEU A 320 20.77 4.88 1.11
N ALA A 321 20.60 5.53 2.26
CA ALA A 321 21.68 5.68 3.25
C ALA A 321 22.09 4.37 3.93
N CYS A 322 21.14 3.43 4.04
CA CYS A 322 21.44 2.09 4.56
C CYS A 322 22.50 1.37 3.68
N LEU A 323 22.47 1.63 2.37
CA LEU A 323 23.27 0.86 1.39
C LEU A 323 24.56 1.61 1.02
N THR A 324 25.34 1.88 2.06
CA THR A 324 26.61 2.60 1.98
C THR A 324 27.46 1.86 2.98
N PRO A 325 28.80 2.09 2.96
CA PRO A 325 29.61 1.41 4.00
C PRO A 325 29.10 1.68 5.44
N GLU A 326 28.82 2.95 5.75
CA GLU A 326 28.38 3.31 7.08
C GLU A 326 26.99 2.69 7.43
N GLY A 327 26.08 2.69 6.48
CA GLY A 327 24.75 2.08 6.69
C GLY A 327 24.84 0.59 6.92
N LEU A 328 25.63 -0.08 6.09
CA LEU A 328 25.77 -1.52 6.21
C LEU A 328 26.42 -1.90 7.51
N GLU A 329 27.42 -1.13 7.92
CA GLU A 329 28.05 -1.39 9.21
C GLU A 329 27.04 -1.25 10.34
N ALA A 330 26.22 -0.20 10.27
CA ALA A 330 25.19 0.07 11.30
C ALA A 330 24.13 -1.03 11.38
N MET A 331 23.64 -1.46 10.22
CA MET A 331 22.68 -2.56 10.16
C MET A 331 23.27 -3.85 10.72
N HIS A 332 24.54 -4.12 10.40
CA HIS A 332 25.25 -5.29 10.93
C HIS A 332 25.25 -5.29 12.46
N LYS A 333 25.56 -4.12 13.05
CA LYS A 333 25.59 -3.99 14.52
C LYS A 333 24.20 -4.21 15.14
N VAL A 334 23.17 -3.64 14.52
CA VAL A 334 21.76 -3.81 14.94
C VAL A 334 21.38 -5.30 14.92
N ILE A 335 21.54 -5.92 13.75
CA ILE A 335 21.32 -7.37 13.62
C ILE A 335 22.12 -8.18 14.65
N GLY A 336 23.40 -7.87 14.81
CA GLY A 336 24.27 -8.59 15.76
C GLY A 336 23.75 -8.52 17.20
N PHE A 337 23.24 -7.34 17.58
CA PHE A 337 22.63 -7.18 18.88
C PHE A 337 21.44 -8.14 19.06
N TYR A 338 20.54 -8.19 18.08
CA TYR A 338 19.37 -9.06 18.22
C TYR A 338 19.75 -10.53 18.17
N LYS A 339 20.80 -10.84 17.41
CA LYS A 339 21.35 -12.19 17.38
C LYS A 339 21.91 -12.62 18.75
N GLU A 340 22.57 -11.71 19.46
CA GLU A 340 23.01 -12.04 20.81
C GLU A 340 21.82 -12.24 21.77
N ASN A 341 20.78 -11.42 21.65
CA ASN A 341 19.53 -11.69 22.38
C ASN A 341 19.03 -13.10 22.13
N THR A 342 19.06 -13.52 20.85
CA THR A 342 18.59 -14.83 20.46
C THR A 342 19.38 -15.94 21.17
N ASN A 343 20.71 -15.80 21.20
CA ASN A 343 21.59 -16.72 21.95
C ASN A 343 21.20 -16.89 23.42
N ILE A 344 20.86 -15.77 24.07
CA ILE A 344 20.47 -15.76 25.48
C ILE A 344 19.20 -16.59 25.65
N ILE A 345 18.25 -16.40 24.74
CA ILE A 345 16.99 -17.13 24.79
C ILE A 345 17.18 -18.62 24.54
N ILE A 346 17.93 -18.95 23.48
CA ILE A 346 18.23 -20.36 23.15
C ILE A 346 18.90 -21.08 24.32
N ASP A 347 19.94 -20.47 24.88
CA ASP A 347 20.65 -21.03 26.03
C ASP A 347 19.73 -21.27 27.22
N THR A 348 18.81 -20.33 27.46
CA THR A 348 17.82 -20.49 28.52
C THR A 348 16.95 -21.74 28.33
N PHE A 349 16.33 -21.88 27.16
CA PHE A 349 15.44 -23.02 26.98
C PHE A 349 16.17 -24.35 26.90
N THR A 350 17.36 -24.33 26.32
CA THR A 350 18.16 -25.57 26.23
C THR A 350 18.59 -26.00 27.64
N SER A 351 19.00 -25.03 28.47
CA SER A 351 19.37 -25.29 29.87
C SER A 351 18.20 -25.85 30.68
N LEU A 352 16.97 -25.44 30.34
CA LEU A 352 15.78 -25.97 30.99
C LEU A 352 15.29 -27.31 30.45
N GLY A 353 16.02 -27.86 29.47
CA GLY A 353 15.73 -29.20 28.93
C GLY A 353 14.74 -29.29 27.78
N TYR A 354 14.40 -28.16 27.16
CA TYR A 354 13.46 -28.15 26.04
C TYR A 354 14.12 -28.52 24.73
N ASP A 355 13.36 -29.13 23.83
CA ASP A 355 13.77 -29.17 22.43
C ASP A 355 13.51 -27.77 21.89
N VAL A 356 14.58 -27.09 21.47
CA VAL A 356 14.55 -25.71 21.04
C VAL A 356 15.09 -25.66 19.61
N TYR A 357 14.39 -24.93 18.74
CA TYR A 357 14.74 -24.87 17.33
C TYR A 357 14.90 -23.42 16.88
N GLY A 358 15.46 -23.23 15.68
CA GLY A 358 15.69 -21.88 15.17
C GLY A 358 16.76 -21.18 15.97
N GLY A 359 16.69 -19.86 16.00
CA GLY A 359 17.57 -19.06 16.81
C GLY A 359 19.01 -19.01 16.32
N LYS A 360 19.30 -19.65 15.21
CA LYS A 360 20.67 -19.64 14.66
C LYS A 360 20.77 -18.66 13.51
N ASN A 361 19.77 -18.70 12.62
CA ASN A 361 19.78 -17.94 11.39
C ASN A 361 18.65 -16.92 11.35
N ALA A 362 18.06 -16.66 12.52
CA ALA A 362 16.83 -15.88 12.60
C ALA A 362 16.70 -15.37 14.03
N PRO A 363 15.96 -14.26 14.24
CA PRO A 363 15.74 -13.70 15.58
C PRO A 363 14.51 -14.29 16.28
N TYR A 364 14.15 -15.51 15.91
CA TYR A 364 13.03 -16.24 16.52
C TYR A 364 13.56 -17.56 17.03
N VAL A 365 13.05 -17.96 18.19
CA VAL A 365 13.32 -19.25 18.76
C VAL A 365 12.01 -20.02 18.78
N TRP A 366 12.05 -21.27 18.35
CA TRP A 366 10.85 -22.08 18.14
C TRP A 366 10.92 -23.24 19.14
N VAL A 367 10.13 -23.13 20.21
CA VAL A 367 10.30 -24.03 21.35
C VAL A 367 9.20 -25.08 21.32
N HIS A 368 9.58 -26.34 21.44
CA HIS A 368 8.61 -27.44 21.40
C HIS A 368 7.99 -27.66 22.78
N PHE A 369 6.67 -27.55 22.88
CA PHE A 369 5.93 -27.80 24.13
C PHE A 369 5.02 -28.99 23.85
N PRO A 370 5.61 -30.20 23.78
CA PRO A 370 4.81 -31.32 23.33
C PRO A 370 3.73 -31.68 24.36
N ASN A 371 2.61 -32.21 23.85
CA ASN A 371 1.48 -32.61 24.69
C ASN A 371 0.68 -31.43 25.28
N GLN A 372 0.89 -30.23 24.75
CA GLN A 372 0.10 -29.05 25.16
C GLN A 372 -0.37 -28.31 23.90
N SER A 373 -1.48 -27.61 24.00
CA SER A 373 -1.91 -26.76 22.92
C SER A 373 -1.14 -25.46 23.03
N SER A 374 -0.66 -24.93 21.91
CA SER A 374 0.15 -23.72 21.97
C SER A 374 -0.58 -22.50 22.55
N TRP A 375 -1.89 -22.40 22.33
CA TRP A 375 -2.66 -21.29 22.91
C TRP A 375 -2.69 -21.41 24.42
N ASP A 376 -2.73 -22.64 24.95
CA ASP A 376 -2.66 -22.86 26.40
C ASP A 376 -1.29 -22.49 26.96
N VAL A 377 -0.22 -22.85 26.24
CA VAL A 377 1.13 -22.47 26.70
C VAL A 377 1.28 -20.94 26.67
N PHE A 378 0.83 -20.31 25.60
CA PHE A 378 0.81 -18.86 25.53
C PHE A 378 0.15 -18.27 26.80
N ALA A 379 -1.06 -18.73 27.09
CA ALA A 379 -1.81 -18.19 28.24
C ALA A 379 -1.10 -18.45 29.57
N GLU A 380 -0.51 -19.65 29.71
CA GLU A 380 0.22 -20.01 30.93
C GLU A 380 1.45 -19.12 31.17
N ILE A 381 2.28 -18.97 30.14
CA ILE A 381 3.43 -18.09 30.22
C ILE A 381 3.05 -16.64 30.53
N LEU A 382 2.03 -16.14 29.84
CA LEU A 382 1.58 -14.76 30.05
C LEU A 382 1.04 -14.62 31.48
N GLU A 383 0.19 -15.56 31.89
CA GLU A 383 -0.42 -15.56 33.22
C GLU A 383 0.66 -15.55 34.31
N LYS A 384 1.55 -16.55 34.28
CA LYS A 384 2.56 -16.73 35.32
C LYS A 384 3.79 -15.81 35.27
N THR A 385 4.27 -15.47 34.07
CA THR A 385 5.52 -14.70 33.98
C THR A 385 5.36 -13.27 33.49
N HIS A 386 4.15 -12.95 33.04
CA HIS A 386 3.89 -11.63 32.45
C HIS A 386 4.81 -11.41 31.23
N VAL A 387 5.13 -12.50 30.53
CA VAL A 387 5.86 -12.40 29.24
C VAL A 387 4.93 -12.84 28.12
N VAL A 388 4.86 -12.03 27.06
CA VAL A 388 4.06 -12.32 25.89
C VAL A 388 4.91 -13.13 24.90
N THR A 389 4.35 -14.21 24.37
CA THR A 389 5.01 -14.98 23.33
C THR A 389 4.01 -15.08 22.17
N THR A 390 4.25 -15.96 21.20
CA THR A 390 3.30 -16.16 20.13
C THR A 390 3.01 -17.66 19.99
N PRO A 391 1.72 -18.07 20.06
CA PRO A 391 1.42 -19.49 19.96
C PRO A 391 1.68 -20.02 18.55
N GLY A 392 2.30 -21.20 18.46
CA GLY A 392 2.62 -21.77 17.14
C GLY A 392 1.44 -21.99 16.24
N SER A 393 0.31 -22.37 16.82
CA SER A 393 -0.90 -22.59 16.00
C SER A 393 -1.44 -21.33 15.30
N GLY A 394 -1.07 -20.14 15.76
CA GLY A 394 -1.38 -18.91 15.00
C GLY A 394 -0.69 -18.86 13.62
N PHE A 395 0.30 -19.75 13.41
CA PHE A 395 1.04 -19.81 12.15
C PHE A 395 0.61 -21.02 11.29
N GLY A 396 -0.52 -21.61 11.62
CA GLY A 396 -1.02 -22.78 10.92
C GLY A 396 -0.97 -24.02 11.79
N PRO A 397 -1.68 -25.09 11.36
CA PRO A 397 -1.81 -26.32 12.13
C PRO A 397 -0.46 -27.03 12.39
N GLY A 398 0.53 -26.86 11.50
CA GLY A 398 1.87 -27.41 11.73
C GLY A 398 2.61 -26.73 12.88
N GLY A 399 2.11 -25.60 13.34
CA GLY A 399 2.71 -24.91 14.46
C GLY A 399 2.16 -25.36 15.82
N GLU A 400 1.16 -26.23 15.80
CA GLU A 400 0.57 -26.70 17.05
C GLU A 400 1.61 -27.50 17.85
N GLY A 401 1.68 -27.22 19.15
CA GLY A 401 2.69 -27.83 20.03
C GLY A 401 3.97 -27.01 20.17
N PHE A 402 4.04 -25.85 19.50
CA PHE A 402 5.22 -24.99 19.57
C PHE A 402 4.84 -23.61 20.00
N VAL A 403 5.80 -22.89 20.57
CA VAL A 403 5.63 -21.49 20.87
C VAL A 403 6.79 -20.73 20.25
N ARG A 404 6.49 -19.60 19.60
CA ARG A 404 7.56 -18.79 19.04
C ARG A 404 7.96 -17.70 20.04
N VAL A 405 9.26 -17.57 20.29
CA VAL A 405 9.76 -16.53 21.17
C VAL A 405 10.62 -15.56 20.38
N SER A 406 10.23 -14.30 20.38
CA SER A 406 10.97 -13.28 19.63
C SER A 406 12.15 -12.71 20.42
N ALA A 407 13.27 -12.46 19.74
CA ALA A 407 14.47 -11.92 20.40
C ALA A 407 14.58 -10.38 20.31
N PHE A 408 13.59 -9.75 19.71
CA PHE A 408 13.59 -8.29 19.64
C PHE A 408 13.22 -7.75 21.00
N GLY A 409 14.15 -7.03 21.62
CA GLY A 409 13.88 -6.40 22.91
C GLY A 409 15.13 -5.74 23.43
N HIS A 410 14.96 -4.82 24.39
CA HIS A 410 16.12 -4.27 25.09
C HIS A 410 16.83 -5.41 25.79
N ARG A 411 18.14 -5.31 25.96
CA ARG A 411 18.93 -6.38 26.56
C ARG A 411 18.44 -6.76 27.98
N GLU A 412 18.23 -5.76 28.83
CA GLU A 412 17.73 -6.02 30.19
C GLU A 412 16.38 -6.73 30.21
N ASN A 413 15.51 -6.42 29.24
CA ASN A 413 14.22 -7.10 29.10
C ASN A 413 14.30 -8.58 28.71
N ILE A 414 15.24 -8.88 27.80
CA ILE A 414 15.51 -10.27 27.42
C ILE A 414 16.04 -11.05 28.63
N LEU A 415 17.01 -10.44 29.34
CA LEU A 415 17.62 -11.11 30.49
C LEU A 415 16.58 -11.34 31.58
N GLU A 416 15.74 -10.33 31.82
CA GLU A 416 14.66 -10.49 32.81
C GLU A 416 13.63 -11.56 32.39
N ALA A 417 13.20 -11.51 31.12
CA ALA A 417 12.31 -12.57 30.63
C ALA A 417 12.90 -13.97 30.86
N CYS A 418 14.19 -14.13 30.59
CA CYS A 418 14.82 -15.44 30.75
C CYS A 418 14.94 -15.89 32.21
N ARG A 419 15.18 -14.95 33.12
CA ARG A 419 15.15 -15.33 34.53
C ARG A 419 13.75 -15.75 35.01
N ARG A 420 12.70 -15.13 34.47
CA ARG A 420 11.32 -15.55 34.74
C ARG A 420 10.99 -16.93 34.19
N PHE A 421 11.41 -17.21 32.95
CA PHE A 421 11.29 -18.56 32.39
C PHE A 421 11.96 -19.62 33.28
N LYS A 422 13.17 -19.30 33.75
CA LYS A 422 13.95 -20.22 34.58
C LYS A 422 13.21 -20.53 35.88
N GLN A 423 12.73 -19.48 36.55
CA GLN A 423 11.87 -19.60 37.72
C GLN A 423 10.64 -20.45 37.45
N LEU A 424 9.93 -20.16 36.38
CA LEU A 424 8.71 -20.89 36.02
C LEU A 424 8.93 -22.38 35.74
N TYR A 425 9.99 -22.69 34.99
CA TYR A 425 10.13 -24.02 34.40
C TYR A 425 11.17 -24.93 35.06
N LYS A 426 11.77 -24.48 36.16
CA LYS A 426 12.78 -25.27 36.87
C LYS A 426 12.38 -26.73 37.28
N HIS A 427 11.11 -26.95 37.67
CA HIS A 427 10.60 -28.32 38.01
C HIS A 427 10.08 -29.12 36.80
N HIS A 428 10.10 -28.52 35.62
CA HIS A 428 9.79 -29.22 34.37
C HIS A 428 11.05 -29.91 33.85
N GLU B 19 12.32 -20.94 -24.89
CA GLU B 19 12.31 -20.36 -23.51
C GLU B 19 11.35 -21.11 -22.59
N TYR B 20 11.76 -21.24 -21.34
CA TYR B 20 10.90 -21.78 -20.30
C TYR B 20 9.76 -20.80 -19.93
N LYS B 21 8.55 -21.36 -19.81
CA LYS B 21 7.39 -20.65 -19.25
C LYS B 21 6.84 -21.51 -18.11
N THR B 22 6.29 -20.88 -17.07
CA THR B 22 5.60 -21.63 -16.04
C THR B 22 4.27 -22.14 -16.61
N LYS B 23 3.51 -22.90 -15.83
CA LYS B 23 2.16 -23.29 -16.22
C LYS B 23 1.11 -22.48 -15.45
N VAL B 24 1.52 -21.33 -14.90
CA VAL B 24 0.58 -20.46 -14.20
C VAL B 24 -0.14 -19.59 -15.22
N SER B 25 -1.48 -19.62 -15.19
CA SER B 25 -2.27 -18.82 -16.12
C SER B 25 -2.23 -17.36 -15.68
N ARG B 26 -1.93 -16.47 -16.61
CA ARG B 26 -2.02 -15.03 -16.39
C ARG B 26 -3.42 -14.66 -15.88
N ASN B 27 -3.48 -13.74 -14.92
CA ASN B 27 -4.74 -13.25 -14.36
C ASN B 27 -5.58 -12.64 -15.50
N SER B 28 -6.75 -13.22 -15.77
CA SER B 28 -7.56 -12.74 -16.89
C SER B 28 -8.04 -11.30 -16.70
N ASN B 29 -8.07 -10.84 -15.44
CA ASN B 29 -8.44 -9.44 -15.19
C ASN B 29 -7.36 -8.48 -15.66
N MET B 30 -6.10 -8.93 -15.60
CA MET B 30 -5.00 -8.09 -16.08
C MET B 30 -5.03 -7.96 -17.60
N SER B 31 -5.38 -9.07 -18.27
CA SER B 31 -5.48 -9.10 -19.73
C SER B 31 -6.56 -8.16 -20.24
N LYS B 32 -7.59 -7.91 -19.42
CA LYS B 32 -8.70 -7.01 -19.79
C LYS B 32 -8.30 -5.58 -20.02
N LEU B 33 -7.27 -5.11 -19.29
CA LEU B 33 -6.86 -3.72 -19.35
C LEU B 33 -6.44 -3.34 -20.77
N GLN B 34 -6.98 -2.23 -21.27
CA GLN B 34 -6.86 -1.87 -22.67
C GLN B 34 -5.47 -1.33 -23.02
N ALA B 35 -4.86 -0.62 -22.09
CA ALA B 35 -3.54 -0.06 -22.29
C ALA B 35 -2.90 0.08 -20.92
N GLY B 36 -1.74 0.71 -20.85
CA GLY B 36 -1.13 1.02 -19.56
C GLY B 36 -1.92 2.09 -18.79
N TYR B 37 -1.53 2.30 -17.55
CA TYR B 37 -2.13 3.34 -16.71
C TYR B 37 -1.78 4.71 -17.31
N LEU B 38 -2.77 5.62 -17.25
CA LEU B 38 -2.66 6.89 -17.97
C LEU B 38 -1.37 7.67 -17.65
N PHE B 39 -1.10 7.91 -16.38
CA PHE B 39 -0.04 8.88 -16.03
C PHE B 39 1.39 8.49 -16.40
N PRO B 40 1.77 7.23 -16.15
CA PRO B 40 3.08 6.80 -16.66
C PRO B 40 3.19 6.92 -18.20
N GLU B 41 2.09 6.75 -18.95
CA GLU B 41 2.08 6.99 -20.40
C GLU B 41 2.41 8.46 -20.78
N ILE B 42 1.83 9.41 -20.06
CA ILE B 42 2.15 10.83 -20.21
C ILE B 42 3.63 11.06 -19.87
N ALA B 43 4.13 10.42 -18.79
CA ALA B 43 5.54 10.58 -18.41
C ALA B 43 6.44 10.07 -19.53
N ARG B 44 6.00 8.96 -20.15
CA ARG B 44 6.73 8.33 -21.25
C ARG B 44 6.78 9.24 -22.48
N ARG B 45 5.63 9.83 -22.84
CA ARG B 45 5.58 10.81 -23.93
C ARG B 45 6.51 11.99 -23.68
N ARG B 46 6.52 12.47 -22.45
CA ARG B 46 7.41 13.55 -22.06
C ARG B 46 8.86 13.13 -22.26
N SER B 47 9.20 11.94 -21.75
CA SER B 47 10.55 11.40 -21.89
C SER B 47 10.98 11.23 -23.36
N ALA B 48 10.07 10.73 -24.19
CA ALA B 48 10.34 10.55 -25.62
C ALA B 48 10.55 11.89 -26.33
N HIS B 49 9.79 12.89 -25.91
CA HIS B 49 9.95 14.23 -26.44
C HIS B 49 11.33 14.77 -26.08
N LEU B 50 11.79 14.51 -24.86
CA LEU B 50 13.10 14.99 -24.44
C LEU B 50 14.27 14.28 -25.11
N LEU B 51 14.07 13.03 -25.52
CA LEU B 51 15.05 12.33 -26.35
C LEU B 51 15.14 12.92 -27.77
N LYS B 52 14.00 13.25 -28.34
CA LYS B 52 13.91 13.91 -29.64
C LYS B 52 14.54 15.30 -29.54
N TYR B 53 14.22 16.05 -28.48
CA TYR B 53 14.74 17.40 -28.31
C TYR B 53 15.39 17.60 -26.93
N PRO B 54 16.65 17.15 -26.76
CA PRO B 54 17.30 17.14 -25.45
C PRO B 54 17.38 18.49 -24.75
N ASP B 55 17.32 19.58 -25.51
CA ASP B 55 17.45 20.90 -24.89
C ASP B 55 16.13 21.66 -24.79
N ALA B 56 15.02 20.97 -25.07
CA ALA B 56 13.68 21.54 -24.91
C ALA B 56 13.47 21.98 -23.46
N GLN B 57 12.94 23.18 -23.29
CA GLN B 57 12.59 23.65 -21.97
C GLN B 57 11.13 23.25 -21.76
N VAL B 58 10.93 21.99 -21.39
CA VAL B 58 9.59 21.41 -21.25
C VAL B 58 8.94 21.92 -19.96
N ILE B 59 7.66 22.33 -20.06
CA ILE B 59 6.88 22.70 -18.88
C ILE B 59 5.78 21.66 -18.71
N SER B 60 5.71 21.07 -17.52
CA SER B 60 4.75 20.02 -17.34
C SER B 60 3.48 20.51 -16.65
N LEU B 61 2.39 20.55 -17.40
CA LEU B 61 1.06 20.82 -16.85
C LEU B 61 0.14 19.61 -17.12
N GLY B 62 0.72 18.43 -17.14
CA GLY B 62 0.00 17.20 -17.47
C GLY B 62 -0.36 16.54 -16.17
N ILE B 63 0.51 15.67 -15.68
CA ILE B 63 0.32 15.01 -14.38
C ILE B 63 0.16 16.08 -13.31
N GLY B 64 -0.92 15.99 -12.53
CA GLY B 64 -1.19 16.93 -11.45
C GLY B 64 -0.27 16.68 -10.28
N ASP B 65 0.90 17.31 -10.29
CA ASP B 65 1.89 17.10 -9.26
C ASP B 65 2.25 18.46 -8.67
N THR B 66 2.16 18.54 -7.35
CA THR B 66 2.57 19.73 -6.62
C THR B 66 4.05 20.07 -6.88
N THR B 67 4.35 21.37 -6.84
CA THR B 67 5.66 21.86 -7.25
C THR B 67 6.31 22.76 -6.20
N GLU B 68 5.51 23.33 -5.30
CA GLU B 68 6.07 24.24 -4.29
C GLU B 68 6.54 23.48 -3.05
N PRO B 69 7.58 23.99 -2.35
CA PRO B 69 8.11 23.30 -1.19
C PRO B 69 7.04 23.08 -0.11
N ILE B 70 7.24 22.02 0.67
CA ILE B 70 6.41 21.76 1.84
C ILE B 70 6.78 22.83 2.87
N PRO B 71 5.77 23.41 3.52
CA PRO B 71 6.06 24.41 4.56
C PRO B 71 7.01 23.92 5.68
N GLU B 72 7.93 24.78 6.06
CA GLU B 72 8.89 24.49 7.12
C GLU B 72 8.29 23.94 8.41
N VAL B 73 7.11 24.44 8.81
CA VAL B 73 6.53 23.93 10.08
C VAL B 73 6.27 22.41 9.99
N ILE B 74 5.94 21.97 8.79
CA ILE B 74 5.61 20.57 8.54
C ILE B 74 6.89 19.73 8.38
N THR B 75 7.84 20.19 7.58
CA THR B 75 9.11 19.43 7.46
C THR B 75 9.92 19.37 8.75
N SER B 76 9.92 20.46 9.53
CA SER B 76 10.58 20.45 10.84
C SER B 76 10.03 19.35 11.73
N ALA B 77 8.72 19.14 11.69
CA ALA B 77 8.09 18.06 12.46
C ALA B 77 8.55 16.67 11.98
N MET B 78 8.65 16.52 10.67
CA MET B 78 9.12 15.25 10.08
C MET B 78 10.59 15.01 10.44
N ALA B 79 11.42 16.05 10.32
CA ALA B 79 12.84 15.94 10.73
C ALA B 79 13.00 15.62 12.22
N LYS B 80 12.17 16.24 13.05
CA LYS B 80 12.19 15.94 14.49
C LYS B 80 11.89 14.47 14.76
N LYS B 81 10.88 13.94 14.08
CA LYS B 81 10.50 12.54 14.28
C LYS B 81 11.66 11.63 13.86
N ALA B 82 12.28 11.95 12.72
CA ALA B 82 13.44 11.19 12.24
C ALA B 82 14.54 11.16 13.29
N HIS B 83 14.90 12.33 13.82
CA HIS B 83 15.89 12.43 14.92
C HIS B 83 15.49 11.60 16.15
N GLU B 84 14.23 11.70 16.57
CA GLU B 84 13.72 10.92 17.70
C GLU B 84 13.88 9.41 17.52
N LEU B 85 13.78 8.94 16.28
CA LEU B 85 13.91 7.50 15.97
C LEU B 85 15.32 6.96 16.28
N SER B 86 16.30 7.86 16.38
CA SER B 86 17.66 7.45 16.76
C SER B 86 17.93 7.52 18.29
N THR B 87 16.88 7.78 19.08
CA THR B 87 17.02 7.86 20.55
C THR B 87 16.23 6.74 21.21
N ILE B 88 16.65 6.33 22.41
CA ILE B 88 16.02 5.20 23.11
C ILE B 88 14.57 5.52 23.43
N GLU B 89 14.36 6.73 23.92
CA GLU B 89 13.03 7.19 24.31
C GLU B 89 12.13 7.53 23.11
N GLY B 90 12.69 8.04 22.02
CA GLY B 90 11.88 8.47 20.87
C GLY B 90 11.61 7.40 19.82
N TYR B 91 12.25 6.25 19.92
CA TYR B 91 12.10 5.24 18.88
C TYR B 91 10.72 4.59 18.93
N SER B 92 10.09 4.40 17.77
CA SER B 92 8.92 3.53 17.74
C SER B 92 8.98 2.62 16.53
N GLY B 93 8.42 1.42 16.68
CA GLY B 93 8.44 0.41 15.63
C GLY B 93 7.13 0.36 14.89
N TYR B 94 6.54 -0.83 14.77
CA TYR B 94 5.23 -0.95 14.12
C TYR B 94 4.23 0.00 14.80
N GLY B 95 3.47 0.74 13.99
CA GLY B 95 2.32 1.46 14.53
C GLY B 95 1.07 0.65 14.25
N ALA B 96 -0.03 0.98 14.92
CA ALA B 96 -1.34 0.43 14.59
C ALA B 96 -1.61 0.70 13.11
N GLU B 97 -2.07 -0.33 12.38
CA GLU B 97 -2.30 -0.17 10.94
C GLU B 97 -3.30 0.94 10.65
N GLN B 98 -4.25 1.17 11.55
CA GLN B 98 -5.28 2.23 11.35
C GLN B 98 -4.73 3.66 11.47
N GLY B 99 -3.51 3.79 12.02
CA GLY B 99 -2.91 5.11 12.25
C GLY B 99 -2.86 5.54 13.72
N ALA B 100 -1.92 6.42 14.05
CA ALA B 100 -1.73 6.93 15.40
C ALA B 100 -3.02 7.54 15.90
N LYS B 101 -3.41 7.25 17.15
CA LYS B 101 -4.70 7.79 17.63
C LYS B 101 -4.76 9.33 17.59
N PRO B 102 -3.69 10.03 18.02
CA PRO B 102 -3.79 11.51 17.94
C PRO B 102 -3.99 12.05 16.52
N LEU B 103 -3.44 11.36 15.52
CA LEU B 103 -3.66 11.76 14.14
C LEU B 103 -5.11 11.48 13.69
N ARG B 104 -5.63 10.29 14.00
CA ARG B 104 -7.02 10.00 13.69
C ARG B 104 -7.99 11.03 14.31
N ALA B 105 -7.71 11.41 15.57
CA ALA B 105 -8.51 12.40 16.30
C ALA B 105 -8.41 13.77 15.66
N ALA B 106 -7.20 14.16 15.26
CA ALA B 106 -6.99 15.45 14.61
C ALA B 106 -7.74 15.52 13.29
N ILE B 107 -7.67 14.45 12.49
CA ILE B 107 -8.41 14.40 11.23
C ILE B 107 -9.93 14.47 11.51
N ALA B 108 -10.41 13.62 12.42
CA ALA B 108 -11.85 13.56 12.74
C ALA B 108 -12.37 14.94 13.16
N LYS B 109 -11.63 15.65 14.00
CA LYS B 109 -12.10 16.97 14.46
C LYS B 109 -11.93 18.05 13.42
N THR B 110 -10.78 18.06 12.72
CA THR B 110 -10.48 19.17 11.82
C THR B 110 -11.40 19.18 10.62
N PHE B 111 -11.58 18.02 9.98
CA PHE B 111 -12.37 17.93 8.75
C PHE B 111 -13.84 17.52 8.95
N TYR B 112 -14.13 16.86 10.06
CA TYR B 112 -15.47 16.24 10.25
C TYR B 112 -16.14 16.63 11.57
N GLY B 113 -15.60 17.63 12.25
CA GLY B 113 -16.16 18.08 13.54
C GLY B 113 -17.61 18.55 13.35
N GLY B 114 -18.52 18.02 14.18
CA GLY B 114 -19.95 18.37 14.02
C GLY B 114 -20.69 17.43 13.07
N LEU B 115 -19.97 16.53 12.41
CA LEU B 115 -20.57 15.61 11.44
C LEU B 115 -20.76 14.19 11.99
N GLY B 116 -20.45 13.99 13.25
CA GLY B 116 -20.68 12.72 13.94
C GLY B 116 -19.69 11.61 13.54
N ILE B 117 -18.48 12.01 13.17
CA ILE B 117 -17.40 11.10 12.83
C ILE B 117 -16.48 10.93 14.04
N GLY B 118 -16.29 9.69 14.49
CA GLY B 118 -15.40 9.40 15.61
C GLY B 118 -13.98 9.07 15.15
N ASP B 119 -13.02 9.16 16.08
CA ASP B 119 -11.62 8.81 15.85
C ASP B 119 -11.49 7.40 15.29
N ASP B 120 -12.35 6.47 15.76
CA ASP B 120 -12.31 5.08 15.27
C ASP B 120 -12.87 4.84 13.84
N ASP B 121 -13.52 5.85 13.27
CA ASP B 121 -14.07 5.80 11.89
C ASP B 121 -13.01 6.19 10.85
N VAL B 122 -11.89 6.73 11.31
CA VAL B 122 -10.82 7.25 10.44
C VAL B 122 -9.72 6.20 10.29
N PHE B 123 -9.28 5.96 9.06
CA PHE B 123 -8.20 4.99 8.77
C PHE B 123 -7.13 5.74 8.02
N VAL B 124 -5.96 5.89 8.64
CA VAL B 124 -4.84 6.61 8.02
C VAL B 124 -4.13 5.70 6.99
N SER B 125 -3.86 6.23 5.81
CA SER B 125 -3.26 5.43 4.73
C SER B 125 -1.99 6.13 4.26
N ASP B 126 -1.27 5.47 3.36
CA ASP B 126 -0.19 6.11 2.61
C ASP B 126 -0.72 6.83 1.35
N GLY B 127 -2.01 7.17 1.31
CA GLY B 127 -2.56 8.01 0.23
C GLY B 127 -3.85 7.46 -0.37
N ALA B 128 -4.58 8.33 -1.06
CA ALA B 128 -5.91 7.98 -1.56
C ALA B 128 -5.92 6.94 -2.66
N LYS B 129 -4.90 6.94 -3.52
CA LYS B 129 -4.81 5.95 -4.59
C LYS B 129 -4.73 4.53 -3.98
N CYS B 130 -3.93 4.39 -2.94
CA CYS B 130 -3.77 3.10 -2.27
C CYS B 130 -5.05 2.66 -1.54
N ASP B 131 -5.74 3.61 -0.91
CA ASP B 131 -7.06 3.32 -0.30
C ASP B 131 -8.09 2.87 -1.29
N ILE B 132 -8.14 3.51 -2.46
CA ILE B 132 -9.07 3.08 -3.50
C ILE B 132 -8.88 1.59 -3.80
N SER B 133 -7.65 1.15 -3.97
CA SER B 133 -7.43 -0.26 -4.28
C SER B 133 -7.66 -1.20 -3.11
N ARG B 134 -7.37 -0.76 -1.89
CA ARG B 134 -7.71 -1.58 -0.71
C ARG B 134 -9.22 -1.67 -0.48
N LEU B 135 -9.95 -0.58 -0.74
CA LEU B 135 -11.42 -0.66 -0.71
C LEU B 135 -11.94 -1.62 -1.77
N GLN B 136 -11.31 -1.63 -2.95
CA GLN B 136 -11.72 -2.54 -4.03
C GLN B 136 -11.44 -4.02 -3.71
N VAL B 137 -10.31 -4.29 -3.04
CA VAL B 137 -10.04 -5.65 -2.49
C VAL B 137 -11.17 -6.03 -1.51
N MET B 138 -11.50 -5.09 -0.65
CA MET B 138 -12.55 -5.30 0.36
C MET B 138 -13.90 -5.59 -0.30
N PHE B 139 -14.32 -4.76 -1.25
CA PHE B 139 -15.59 -4.99 -1.93
C PHE B 139 -15.58 -6.33 -2.73
N GLY B 140 -14.48 -6.60 -3.42
CA GLY B 140 -14.31 -7.89 -4.10
C GLY B 140 -14.88 -7.88 -5.51
N SER B 141 -14.87 -9.03 -6.16
CA SER B 141 -15.16 -9.13 -7.61
C SER B 141 -16.65 -9.11 -7.94
N ASN B 142 -17.50 -9.34 -6.93
CA ASN B 142 -18.93 -9.55 -7.17
C ASN B 142 -19.79 -8.28 -7.11
N VAL B 143 -19.17 -7.11 -6.99
CA VAL B 143 -19.92 -5.84 -6.98
C VAL B 143 -19.89 -5.16 -8.34
N THR B 144 -20.89 -4.33 -8.62
CA THR B 144 -20.90 -3.51 -9.84
C THR B 144 -20.67 -2.07 -9.42
N ILE B 145 -20.03 -1.29 -10.28
CA ILE B 145 -19.71 0.09 -9.93
C ILE B 145 -20.26 1.10 -10.95
N ALA B 146 -20.44 2.33 -10.48
CA ALA B 146 -20.73 3.48 -11.33
C ALA B 146 -19.62 4.48 -11.10
N VAL B 147 -19.25 5.19 -12.15
CA VAL B 147 -18.24 6.23 -12.07
C VAL B 147 -18.73 7.45 -12.86
N GLN B 148 -18.24 8.63 -12.50
CA GLN B 148 -18.46 9.81 -13.34
C GLN B 148 -17.70 9.61 -14.63
N ASP B 149 -18.25 10.13 -15.72
CA ASP B 149 -17.57 10.03 -17.02
C ASP B 149 -17.49 11.46 -17.56
N PRO B 150 -16.30 12.08 -17.52
CA PRO B 150 -14.98 11.53 -17.15
C PRO B 150 -14.69 11.52 -15.65
N SER B 151 -13.68 10.73 -15.26
CA SER B 151 -13.16 10.78 -13.89
C SER B 151 -11.77 10.17 -13.85
N TYR B 152 -11.09 10.45 -12.73
CA TYR B 152 -9.78 9.90 -12.42
C TYR B 152 -9.78 8.40 -12.74
N PRO B 153 -8.84 7.96 -13.60
CA PRO B 153 -8.86 6.59 -14.13
C PRO B 153 -8.58 5.45 -13.15
N ALA B 154 -8.09 5.74 -11.95
CA ALA B 154 -7.84 4.67 -10.97
C ALA B 154 -9.13 3.96 -10.57
N TYR B 155 -10.27 4.65 -10.56
CA TYR B 155 -11.53 3.97 -10.15
C TYR B 155 -11.85 2.83 -11.12
N VAL B 156 -11.87 3.15 -12.39
CA VAL B 156 -12.17 2.19 -13.44
C VAL B 156 -11.08 1.09 -13.49
N ASP B 157 -9.82 1.50 -13.51
CA ASP B 157 -8.76 0.49 -13.64
C ASP B 157 -8.71 -0.50 -12.45
N SER B 158 -8.90 -0.02 -11.22
CA SER B 158 -8.94 -0.90 -10.06
C SER B 158 -10.13 -1.85 -10.12
N SER B 159 -11.25 -1.35 -10.62
CA SER B 159 -12.44 -2.18 -10.85
C SER B 159 -12.16 -3.32 -11.85
N VAL B 160 -11.45 -3.01 -12.94
CA VAL B 160 -11.09 -4.02 -13.94
C VAL B 160 -10.15 -5.05 -13.30
N ILE B 161 -9.11 -4.56 -12.62
CA ILE B 161 -8.18 -5.44 -11.90
C ILE B 161 -8.87 -6.41 -10.92
N MET B 162 -9.90 -5.92 -10.21
CA MET B 162 -10.58 -6.73 -9.22
C MET B 162 -11.63 -7.69 -9.80
N GLY B 163 -11.87 -7.64 -11.11
CA GLY B 163 -12.79 -8.63 -11.72
C GLY B 163 -14.24 -8.17 -11.72
N GLN B 164 -14.44 -6.86 -11.52
CA GLN B 164 -15.79 -6.32 -11.44
C GLN B 164 -16.43 -5.99 -12.80
N THR B 165 -15.69 -6.21 -13.88
CA THR B 165 -16.08 -5.67 -15.18
C THR B 165 -16.00 -6.76 -16.25
N GLY B 166 -16.53 -6.43 -17.43
CA GLY B 166 -16.28 -7.20 -18.65
C GLY B 166 -15.11 -6.59 -19.43
N GLN B 167 -14.99 -6.94 -20.72
CA GLN B 167 -13.88 -6.48 -21.54
C GLN B 167 -14.10 -5.03 -21.98
N PHE B 168 -13.04 -4.42 -22.51
CA PHE B 168 -13.11 -3.09 -23.11
C PHE B 168 -13.80 -3.16 -24.48
N ASN B 169 -14.83 -2.33 -24.66
CA ASN B 169 -15.58 -2.23 -25.92
C ASN B 169 -15.04 -1.01 -26.67
N THR B 170 -14.38 -1.24 -27.81
CA THR B 170 -13.70 -0.12 -28.50
C THR B 170 -14.64 0.79 -29.30
N ASP B 171 -15.86 0.33 -29.59
CA ASP B 171 -16.89 1.19 -30.21
C ASP B 171 -17.28 2.36 -29.30
N VAL B 172 -17.46 2.07 -28.01
CA VAL B 172 -17.92 3.07 -27.06
C VAL B 172 -16.81 3.53 -26.10
N GLN B 173 -15.65 2.87 -26.17
CA GLN B 173 -14.52 3.16 -25.29
C GLN B 173 -14.85 2.98 -23.79
N LYS B 174 -15.56 1.89 -23.47
CA LYS B 174 -15.99 1.60 -22.11
C LYS B 174 -15.72 0.14 -21.75
N TYR B 175 -15.39 -0.13 -20.48
CA TYR B 175 -15.39 -1.53 -20.01
C TYR B 175 -16.83 -1.96 -19.73
N GLY B 176 -17.13 -3.20 -20.07
CA GLY B 176 -18.43 -3.75 -19.79
C GLY B 176 -18.76 -3.76 -18.31
N ASN B 177 -20.05 -3.59 -18.01
CA ASN B 177 -20.58 -3.74 -16.65
C ASN B 177 -20.25 -2.57 -15.72
N ILE B 178 -19.68 -1.49 -16.26
CA ILE B 178 -19.48 -0.25 -15.51
C ILE B 178 -20.55 0.75 -15.93
N GLU B 179 -21.24 1.35 -14.96
CA GLU B 179 -22.18 2.43 -15.25
C GLU B 179 -21.39 3.74 -15.35
N TYR B 180 -21.25 4.24 -16.56
CA TYR B 180 -20.56 5.50 -16.78
C TYR B 180 -21.59 6.63 -16.75
N MET B 181 -21.52 7.47 -15.73
CA MET B 181 -22.52 8.53 -15.53
C MET B 181 -22.07 9.80 -16.26
N ARG B 182 -22.78 10.18 -17.30
CA ARG B 182 -22.32 11.26 -18.18
C ARG B 182 -22.40 12.64 -17.50
N CYS B 183 -21.24 13.31 -17.43
CA CYS B 183 -21.10 14.64 -16.89
C CYS B 183 -20.62 15.59 -17.98
N THR B 184 -21.48 16.54 -18.36
CA THR B 184 -21.25 17.39 -19.53
C THR B 184 -21.41 18.88 -19.21
N PRO B 185 -20.83 19.78 -20.03
CA PRO B 185 -21.14 21.21 -19.86
C PRO B 185 -22.64 21.43 -19.79
N GLU B 186 -23.38 20.74 -20.67
CA GLU B 186 -24.83 20.87 -20.82
C GLU B 186 -25.63 20.49 -19.55
N ASN B 187 -25.21 19.44 -18.84
CA ASN B 187 -25.88 19.12 -17.58
C ASN B 187 -25.21 19.72 -16.34
N GLY B 188 -24.26 20.64 -16.53
CA GLY B 188 -23.51 21.25 -15.42
C GLY B 188 -22.56 20.29 -14.72
N PHE B 189 -22.10 19.29 -15.48
CA PHE B 189 -21.22 18.22 -15.01
C PHE B 189 -21.77 17.44 -13.83
N PHE B 190 -23.08 17.30 -13.75
CA PHE B 190 -23.69 16.43 -12.77
C PHE B 190 -24.65 15.54 -13.55
N PRO B 191 -24.60 14.22 -13.32
CA PRO B 191 -25.41 13.34 -14.14
C PRO B 191 -26.90 13.44 -13.86
N ASP B 192 -27.69 13.03 -14.85
CA ASP B 192 -29.13 12.94 -14.69
C ASP B 192 -29.41 11.59 -14.03
N LEU B 193 -29.65 11.61 -12.74
CA LEU B 193 -29.75 10.35 -11.98
C LEU B 193 -30.94 9.48 -12.37
N SER B 194 -31.95 10.09 -13.00
CA SER B 194 -33.10 9.34 -13.54
C SER B 194 -32.68 8.36 -14.64
N THR B 195 -31.53 8.62 -15.27
CA THR B 195 -31.03 7.75 -16.35
C THR B 195 -29.88 6.82 -15.91
N VAL B 196 -29.51 6.86 -14.63
CA VAL B 196 -28.37 6.07 -14.16
C VAL B 196 -28.89 4.75 -13.62
N GLY B 197 -28.34 3.65 -14.11
CA GLY B 197 -28.74 2.33 -13.61
C GLY B 197 -28.21 2.05 -12.20
N ARG B 198 -28.88 1.16 -11.48
CA ARG B 198 -28.49 0.80 -10.11
C ARG B 198 -27.18 -0.01 -10.14
N THR B 199 -26.25 0.35 -9.25
CA THR B 199 -25.03 -0.41 -9.05
C THR B 199 -24.86 -0.60 -7.55
N ASP B 200 -23.90 -1.43 -7.16
CA ASP B 200 -23.55 -1.57 -5.77
C ASP B 200 -22.79 -0.36 -5.27
N ILE B 201 -21.78 0.06 -6.05
CA ILE B 201 -20.88 1.13 -5.61
C ILE B 201 -21.00 2.31 -6.55
N ILE B 202 -20.88 3.52 -6.01
CA ILE B 202 -20.83 4.73 -6.81
C ILE B 202 -19.59 5.50 -6.41
N PHE B 203 -18.61 5.58 -7.31
CA PHE B 203 -17.44 6.42 -7.06
C PHE B 203 -17.80 7.83 -7.48
N PHE B 204 -17.59 8.78 -6.57
CA PHE B 204 -17.96 10.16 -6.86
C PHE B 204 -16.90 11.11 -6.34
N CYS B 205 -16.31 11.88 -7.25
CA CYS B 205 -15.22 12.77 -6.92
C CYS B 205 -15.72 14.22 -7.02
N SER B 206 -15.60 15.00 -5.95
CA SER B 206 -16.03 16.40 -5.96
C SER B 206 -15.15 17.19 -4.99
N PRO B 207 -14.51 18.28 -5.46
CA PRO B 207 -14.39 18.78 -6.82
C PRO B 207 -13.82 17.68 -7.72
N ASN B 208 -14.40 17.54 -8.90
CA ASN B 208 -14.05 16.44 -9.78
C ASN B 208 -12.72 16.66 -10.50
N ASN B 209 -11.98 15.56 -10.63
CA ASN B 209 -10.84 15.45 -11.54
C ASN B 209 -11.34 14.58 -12.70
N PRO B 210 -11.34 15.09 -13.95
CA PRO B 210 -10.66 16.25 -14.54
C PRO B 210 -11.46 17.54 -14.77
N THR B 211 -12.76 17.58 -14.50
CA THR B 211 -13.60 18.70 -14.96
C THR B 211 -13.53 19.91 -14.05
N GLY B 212 -13.11 19.67 -12.79
CA GLY B 212 -13.05 20.70 -11.75
C GLY B 212 -14.40 20.98 -11.11
N ALA B 213 -15.44 20.26 -11.55
CA ALA B 213 -16.81 20.56 -11.13
C ALA B 213 -17.07 20.13 -9.68
N ALA B 214 -17.59 21.06 -8.89
CA ALA B 214 -17.97 20.74 -7.52
C ALA B 214 -19.49 20.63 -7.40
N ALA B 215 -19.97 19.50 -6.91
CA ALA B 215 -21.40 19.28 -6.68
C ALA B 215 -21.95 20.23 -5.60
N THR B 216 -23.16 20.76 -5.84
CA THR B 216 -23.81 21.64 -4.86
C THR B 216 -24.43 20.81 -3.74
N ARG B 217 -24.88 21.46 -2.66
CA ARG B 217 -25.60 20.75 -1.60
C ARG B 217 -26.83 20.03 -2.17
N GLU B 218 -27.54 20.70 -3.07
CA GLU B 218 -28.74 20.14 -3.68
C GLU B 218 -28.40 18.84 -4.46
N GLN B 219 -27.31 18.88 -5.22
CA GLN B 219 -26.90 17.76 -6.06
C GLN B 219 -26.41 16.59 -5.21
N LEU B 220 -25.61 16.87 -4.19
CA LEU B 220 -25.20 15.80 -3.27
C LEU B 220 -26.36 15.20 -2.49
N THR B 221 -27.37 16.02 -2.17
CA THR B 221 -28.59 15.50 -1.54
C THR B 221 -29.32 14.52 -2.46
N GLN B 222 -29.40 14.86 -3.74
CA GLN B 222 -29.95 13.95 -4.76
C GLN B 222 -29.10 12.67 -4.81
N LEU B 223 -27.78 12.83 -4.80
CA LEU B 223 -26.88 11.67 -4.84
C LEU B 223 -27.14 10.71 -3.67
N VAL B 224 -27.18 11.25 -2.45
CA VAL B 224 -27.46 10.46 -1.25
C VAL B 224 -28.84 9.80 -1.30
N GLU B 225 -29.84 10.56 -1.75
CA GLU B 225 -31.19 10.00 -1.86
C GLU B 225 -31.22 8.87 -2.88
N PHE B 226 -30.47 9.02 -3.98
CA PHE B 226 -30.38 7.99 -5.04
C PHE B 226 -29.71 6.72 -4.49
N ALA B 227 -28.60 6.89 -3.79
CA ALA B 227 -27.91 5.76 -3.15
C ALA B 227 -28.79 5.06 -2.10
N LYS B 228 -29.51 5.85 -1.30
CA LYS B 228 -30.40 5.25 -0.29
C LYS B 228 -31.49 4.39 -0.94
N LYS B 229 -32.10 4.93 -2.00
CA LYS B 229 -33.17 4.19 -2.63
C LYS B 229 -32.68 2.93 -3.35
N ASN B 230 -31.47 3.03 -3.93
CA ASN B 230 -30.85 1.89 -4.61
C ASN B 230 -30.08 0.93 -3.70
N GLY B 231 -29.89 1.29 -2.43
CA GLY B 231 -29.08 0.49 -1.51
C GLY B 231 -27.61 0.45 -1.91
N SER B 232 -27.09 1.56 -2.42
CA SER B 232 -25.70 1.65 -2.88
C SER B 232 -24.78 2.26 -1.84
N ILE B 233 -23.48 2.03 -2.02
CA ILE B 233 -22.44 2.65 -1.22
C ILE B 233 -21.76 3.70 -2.09
N ILE B 234 -21.71 4.93 -1.59
CA ILE B 234 -20.95 5.97 -2.26
C ILE B 234 -19.51 5.98 -1.75
N VAL B 235 -18.54 5.98 -2.67
CA VAL B 235 -17.15 6.23 -2.30
C VAL B 235 -16.85 7.64 -2.76
N TYR B 236 -16.79 8.57 -1.82
CA TYR B 236 -16.66 9.98 -2.13
C TYR B 236 -15.20 10.40 -1.98
N ASP B 237 -14.62 10.89 -3.05
CA ASP B 237 -13.22 11.27 -3.09
C ASP B 237 -13.18 12.78 -2.99
N SER B 238 -12.66 13.27 -1.87
CA SER B 238 -12.65 14.69 -1.59
C SER B 238 -11.22 15.22 -1.64
N ALA B 239 -10.37 14.57 -2.44
CA ALA B 239 -8.96 14.99 -2.60
C ALA B 239 -8.74 16.49 -2.82
N TYR B 240 -9.69 17.16 -3.51
CA TYR B 240 -9.53 18.59 -3.85
C TYR B 240 -10.49 19.50 -3.10
N ALA B 241 -11.14 18.97 -2.07
CA ALA B 241 -12.16 19.75 -1.33
C ALA B 241 -11.65 21.08 -0.79
N MET B 242 -10.41 21.13 -0.31
CA MET B 242 -9.89 22.41 0.23
C MET B 242 -9.62 23.48 -0.86
N TYR B 243 -9.76 23.10 -2.12
CA TYR B 243 -9.72 24.07 -3.25
C TYR B 243 -11.07 24.74 -3.49
N MET B 244 -12.11 24.34 -2.73
CA MET B 244 -13.46 24.89 -2.93
C MET B 244 -13.45 26.41 -2.80
N SER B 245 -14.07 27.08 -3.76
CA SER B 245 -14.32 28.54 -3.67
C SER B 245 -15.81 28.83 -3.48
N ASP B 246 -16.65 28.14 -4.25
CA ASP B 246 -18.10 28.28 -4.13
C ASP B 246 -18.55 27.74 -2.77
N ASP B 247 -19.74 28.12 -2.33
CA ASP B 247 -20.23 27.67 -1.03
C ASP B 247 -20.92 26.31 -1.22
N ASN B 248 -20.11 25.26 -1.41
CA ASN B 248 -20.56 23.87 -1.58
C ASN B 248 -20.01 23.00 -0.47
N PRO B 249 -20.72 21.90 -0.14
CA PRO B 249 -20.19 20.99 0.87
C PRO B 249 -18.81 20.45 0.48
N ARG B 250 -17.94 20.34 1.47
CA ARG B 250 -16.61 19.80 1.27
C ARG B 250 -16.55 18.32 1.66
N SER B 251 -17.51 17.86 2.45
CA SER B 251 -17.58 16.44 2.82
C SER B 251 -18.97 15.93 2.53
N ILE B 252 -19.04 14.70 2.05
CA ILE B 252 -20.33 14.04 1.86
C ILE B 252 -21.13 13.91 3.17
N PHE B 253 -20.44 13.87 4.31
CA PHE B 253 -21.12 13.70 5.61
C PHE B 253 -21.89 14.95 6.07
N GLU B 254 -21.73 16.04 5.33
CA GLU B 254 -22.55 17.27 5.53
C GLU B 254 -24.01 17.04 5.09
N ILE B 255 -24.23 15.99 4.31
CA ILE B 255 -25.59 15.66 3.85
C ILE B 255 -26.21 14.68 4.85
N PRO B 256 -27.31 15.09 5.49
CA PRO B 256 -27.93 14.13 6.43
C PRO B 256 -28.32 12.82 5.73
N GLY B 257 -28.02 11.69 6.37
CA GLY B 257 -28.27 10.37 5.77
C GLY B 257 -27.07 9.74 5.05
N ALA B 258 -26.07 10.57 4.72
CA ALA B 258 -24.80 10.10 4.11
C ALA B 258 -24.15 8.98 4.94
N GLU B 259 -24.32 9.03 6.25
CA GLU B 259 -23.69 8.07 7.17
C GLU B 259 -24.20 6.65 7.00
N GLU B 260 -25.35 6.50 6.35
CA GLU B 260 -25.91 5.18 6.05
C GLU B 260 -25.48 4.62 4.70
N VAL B 261 -24.90 5.45 3.84
CA VAL B 261 -24.61 5.07 2.47
C VAL B 261 -23.25 5.49 1.94
N ALA B 262 -22.43 6.19 2.71
CA ALA B 262 -21.23 6.79 2.14
C ALA B 262 -19.98 6.58 2.96
N MET B 263 -18.84 6.46 2.27
CA MET B 263 -17.55 6.62 2.90
C MET B 263 -16.80 7.70 2.14
N GLU B 264 -15.72 8.21 2.72
CA GLU B 264 -14.97 9.30 2.10
C GLU B 264 -13.46 9.02 2.11
N THR B 265 -12.78 9.36 1.01
CA THR B 265 -11.34 9.16 0.91
C THR B 265 -10.70 10.50 0.57
N ALA B 266 -9.56 10.78 1.18
CA ALA B 266 -8.92 12.09 1.04
C ALA B 266 -7.42 11.94 1.24
N SER B 267 -6.67 13.03 1.12
CA SER B 267 -5.21 12.92 1.12
C SER B 267 -4.60 14.26 1.46
N PHE B 268 -3.38 14.25 2.03
CA PHE B 268 -2.61 15.48 2.17
C PHE B 268 -1.80 15.83 0.91
N SER B 269 -1.84 14.97 -0.10
CA SER B 269 -1.02 15.20 -1.32
C SER B 269 -1.14 16.63 -1.86
N LYS B 270 -2.37 17.07 -2.12
CA LYS B 270 -2.58 18.35 -2.82
C LYS B 270 -2.78 19.52 -1.84
N TYR B 271 -2.71 19.23 -0.55
CA TYR B 271 -2.88 20.23 0.51
C TYR B 271 -1.53 20.67 1.06
N ALA B 272 -0.65 19.70 1.30
CA ALA B 272 0.67 20.00 1.89
C ALA B 272 1.84 19.66 0.95
N GLY B 273 1.54 19.25 -0.28
CA GLY B 273 2.59 18.84 -1.21
C GLY B 273 3.16 17.48 -0.83
N PHE B 274 2.34 16.62 -0.21
CA PHE B 274 2.72 15.28 0.24
C PHE B 274 2.61 14.20 -0.84
N THR B 275 2.55 14.61 -2.10
CA THR B 275 2.51 13.65 -3.23
C THR B 275 3.63 12.61 -3.12
N GLY B 276 4.81 13.03 -2.68
CA GLY B 276 5.95 12.13 -2.50
C GLY B 276 6.10 11.58 -1.09
N VAL B 277 5.52 12.27 -0.11
CA VAL B 277 5.65 11.92 1.31
C VAL B 277 4.70 10.78 1.70
N ARG B 278 3.48 10.81 1.13
CA ARG B 278 2.49 9.73 1.21
C ARG B 278 1.68 9.68 2.53
N LEU B 279 0.53 10.36 2.54
CA LEU B 279 -0.36 10.31 3.71
C LEU B 279 -1.78 10.72 3.32
N GLY B 280 -2.74 9.81 3.53
CA GLY B 280 -4.15 10.19 3.39
C GLY B 280 -5.01 9.49 4.43
N TRP B 281 -6.30 9.44 4.18
CA TRP B 281 -7.20 8.73 5.11
C TRP B 281 -8.49 8.37 4.43
N THR B 282 -9.18 7.39 5.01
CA THR B 282 -10.54 7.06 4.59
C THR B 282 -11.41 7.12 5.85
N VAL B 283 -12.63 7.62 5.69
CA VAL B 283 -13.61 7.63 6.79
C VAL B 283 -14.75 6.68 6.44
N ILE B 284 -15.04 5.73 7.33
CA ILE B 284 -16.15 4.82 7.11
C ILE B 284 -17.00 4.88 8.38
N PRO B 285 -18.24 5.39 8.25
CA PRO B 285 -19.07 5.60 9.42
C PRO B 285 -19.66 4.31 9.99
N LYS B 286 -20.04 4.38 11.26
CA LYS B 286 -20.59 3.23 11.97
C LYS B 286 -21.89 2.71 11.37
N LYS B 287 -22.67 3.61 10.78
CA LYS B 287 -24.00 3.23 10.27
C LYS B 287 -24.00 2.65 8.84
N LEU B 288 -22.82 2.52 8.23
CA LEU B 288 -22.70 1.87 6.91
C LEU B 288 -22.63 0.35 7.04
N LEU B 289 -23.67 -0.35 6.55
CA LEU B 289 -23.80 -1.79 6.73
C LEU B 289 -24.06 -2.47 5.40
N TYR B 290 -23.53 -3.67 5.25
CA TYR B 290 -23.85 -4.53 4.11
C TYR B 290 -25.28 -5.04 4.32
N SER B 291 -25.83 -5.72 3.31
CA SER B 291 -27.22 -6.20 3.32
C SER B 291 -27.53 -7.23 4.43
N ASP B 292 -26.49 -7.83 5.00
CA ASP B 292 -26.65 -8.77 6.10
C ASP B 292 -26.49 -8.10 7.46
N GLY B 293 -26.36 -6.77 7.46
CA GLY B 293 -26.20 -6.01 8.70
C GLY B 293 -24.77 -5.84 9.17
N PHE B 294 -23.83 -6.43 8.43
CA PHE B 294 -22.43 -6.40 8.85
C PHE B 294 -21.82 -5.02 8.55
N PRO B 295 -21.16 -4.39 9.54
CA PRO B 295 -20.55 -3.07 9.35
C PRO B 295 -19.37 -3.12 8.36
N VAL B 296 -19.48 -2.29 7.33
CA VAL B 296 -18.45 -2.22 6.28
C VAL B 296 -17.06 -1.91 6.92
N ALA B 297 -17.03 -1.00 7.89
CA ALA B 297 -15.78 -0.60 8.53
C ALA B 297 -15.01 -1.76 9.16
N LYS B 298 -15.72 -2.80 9.62
CA LYS B 298 -15.10 -3.95 10.24
C LYS B 298 -14.36 -4.78 9.20
N ASP B 299 -14.94 -4.91 8.02
CA ASP B 299 -14.22 -5.54 6.91
C ASP B 299 -13.02 -4.71 6.42
N PHE B 300 -13.17 -3.39 6.35
CA PHE B 300 -12.02 -2.55 5.95
C PHE B 300 -10.90 -2.70 6.96
N ASN B 301 -11.26 -2.77 8.25
CA ASN B 301 -10.27 -2.94 9.29
C ASN B 301 -9.47 -4.24 9.12
N ARG B 302 -10.17 -5.33 8.73
CA ARG B 302 -9.46 -6.60 8.45
C ARG B 302 -8.50 -6.48 7.26
N ILE B 303 -8.94 -5.81 6.19
CA ILE B 303 -8.10 -5.56 5.04
C ILE B 303 -6.84 -4.78 5.43
N ILE B 304 -7.02 -3.70 6.19
CA ILE B 304 -5.85 -2.88 6.51
C ILE B 304 -4.91 -3.58 7.51
N CYS B 305 -5.45 -4.48 8.32
CA CYS B 305 -4.61 -5.27 9.25
C CYS B 305 -3.88 -6.43 8.56
N THR B 306 -4.37 -6.85 7.40
CA THR B 306 -3.85 -8.02 6.70
C THR B 306 -2.96 -7.64 5.51
N CYS B 307 -3.33 -6.56 4.86
CA CYS B 307 -2.74 -6.18 3.59
C CYS B 307 -1.86 -4.94 3.68
N PHE B 308 -1.65 -4.41 4.89
CA PHE B 308 -1.01 -3.10 5.08
C PHE B 308 -0.33 -3.13 6.45
N ASN B 309 0.73 -2.34 6.60
CA ASN B 309 1.41 -2.27 7.88
C ASN B 309 1.46 -0.86 8.46
N GLY B 310 0.63 0.03 7.92
CA GLY B 310 0.53 1.38 8.47
C GLY B 310 1.25 2.39 7.60
N ALA B 311 0.81 3.65 7.67
CA ALA B 311 1.52 4.71 6.98
C ALA B 311 2.86 4.99 7.69
N SER B 312 3.81 5.58 6.98
CA SER B 312 5.09 5.90 7.59
C SER B 312 4.93 6.76 8.83
N ASN B 313 5.65 6.39 9.89
CA ASN B 313 5.62 7.14 11.16
C ASN B 313 6.08 8.59 10.99
N ILE B 314 7.03 8.81 10.09
CA ILE B 314 7.47 10.17 9.80
C ILE B 314 6.39 10.94 9.04
N SER B 315 5.74 10.30 8.07
CA SER B 315 4.64 10.97 7.35
C SER B 315 3.49 11.33 8.30
N GLN B 316 3.20 10.43 9.25
CA GLN B 316 2.14 10.68 10.24
C GLN B 316 2.48 11.88 11.15
N ALA B 317 3.75 11.99 11.51
CA ALA B 317 4.22 13.15 12.27
C ALA B 317 4.06 14.43 11.45
N GLY B 318 4.36 14.37 10.15
CA GLY B 318 4.12 15.51 9.26
C GLY B 318 2.64 15.88 9.17
N ALA B 319 1.77 14.88 8.95
CA ALA B 319 0.31 15.09 8.91
C ALA B 319 -0.22 15.72 10.22
N LEU B 320 0.25 15.21 11.36
CA LEU B 320 -0.12 15.80 12.64
C LEU B 320 0.21 17.28 12.78
N ALA B 321 1.39 17.69 12.30
CA ALA B 321 1.77 19.10 12.29
C ALA B 321 0.98 19.94 11.28
N CYS B 322 0.44 19.33 10.23
CA CYS B 322 -0.47 20.04 9.33
C CYS B 322 -1.72 20.53 10.03
N LEU B 323 -2.21 19.76 11.00
CA LEU B 323 -3.51 20.04 11.63
C LEU B 323 -3.32 20.83 12.93
N THR B 324 -2.69 21.98 12.78
CA THR B 324 -2.40 22.94 13.87
C THR B 324 -2.69 24.30 13.25
N PRO B 325 -2.84 25.37 14.07
CA PRO B 325 -3.03 26.69 13.41
C PRO B 325 -1.96 27.00 12.34
N GLU B 326 -0.68 26.78 12.66
CA GLU B 326 0.42 27.09 11.72
C GLU B 326 0.36 26.20 10.47
N GLY B 327 0.07 24.91 10.68
CA GLY B 327 -0.03 23.97 9.55
C GLY B 327 -1.18 24.33 8.62
N LEU B 328 -2.34 24.65 9.18
CA LEU B 328 -3.50 25.00 8.38
C LEU B 328 -3.29 26.30 7.63
N GLU B 329 -2.66 27.27 8.29
CA GLU B 329 -2.32 28.52 7.62
C GLU B 329 -1.41 28.28 6.42
N ALA B 330 -0.38 27.46 6.63
CA ALA B 330 0.63 27.18 5.60
C ALA B 330 -0.02 26.48 4.40
N MET B 331 -0.86 25.49 4.66
CA MET B 331 -1.58 24.79 3.60
C MET B 331 -2.52 25.72 2.83
N HIS B 332 -3.27 26.56 3.55
CA HIS B 332 -4.17 27.52 2.91
C HIS B 332 -3.39 28.42 1.93
N LYS B 333 -2.21 28.83 2.34
CA LYS B 333 -1.36 29.71 1.51
C LYS B 333 -0.91 29.01 0.21
N VAL B 334 -0.45 27.77 0.31
CA VAL B 334 -0.02 26.95 -0.84
C VAL B 334 -1.20 26.73 -1.79
N ILE B 335 -2.35 26.34 -1.22
CA ILE B 335 -3.57 26.14 -2.01
C ILE B 335 -3.94 27.42 -2.77
N GLY B 336 -3.90 28.55 -2.06
CA GLY B 336 -4.22 29.84 -2.67
C GLY B 336 -3.28 30.23 -3.81
N PHE B 337 -2.01 29.88 -3.67
CA PHE B 337 -1.01 30.09 -4.75
C PHE B 337 -1.41 29.31 -6.02
N TYR B 338 -1.72 28.03 -5.85
CA TYR B 338 -2.16 27.20 -7.00
C TYR B 338 -3.50 27.66 -7.60
N LYS B 339 -4.39 28.19 -6.75
CA LYS B 339 -5.64 28.77 -7.23
C LYS B 339 -5.42 30.02 -8.08
N GLU B 340 -4.44 30.86 -7.72
CA GLU B 340 -4.03 31.98 -8.60
C GLU B 340 -3.45 31.54 -9.96
N ASN B 341 -2.60 30.50 -9.94
CA ASN B 341 -2.17 29.85 -11.20
C ASN B 341 -3.35 29.49 -12.09
N THR B 342 -4.39 28.90 -11.48
CA THR B 342 -5.56 28.44 -12.22
C THR B 342 -6.25 29.60 -12.94
N ASN B 343 -6.36 30.76 -12.28
CA ASN B 343 -6.94 31.96 -12.90
C ASN B 343 -6.18 32.44 -14.14
N ILE B 344 -4.84 32.41 -14.04
CA ILE B 344 -3.96 32.77 -15.16
C ILE B 344 -4.27 31.86 -16.37
N ILE B 345 -4.43 30.56 -16.12
CA ILE B 345 -4.69 29.59 -17.19
C ILE B 345 -6.07 29.75 -17.81
N ILE B 346 -7.08 29.89 -16.95
CA ILE B 346 -8.44 30.21 -17.42
C ILE B 346 -8.48 31.43 -18.31
N ASP B 347 -7.88 32.53 -17.84
CA ASP B 347 -7.90 33.80 -18.58
C ASP B 347 -7.25 33.65 -19.94
N THR B 348 -6.16 32.87 -20.01
CA THR B 348 -5.45 32.61 -21.25
C THR B 348 -6.35 31.92 -22.27
N PHE B 349 -6.96 30.80 -21.90
CA PHE B 349 -7.80 30.08 -22.86
C PHE B 349 -9.12 30.81 -23.21
N THR B 350 -9.71 31.48 -22.24
CA THR B 350 -10.93 32.25 -22.55
C THR B 350 -10.59 33.38 -23.53
N SER B 351 -9.44 34.02 -23.35
CA SER B 351 -9.01 35.11 -24.27
C SER B 351 -8.77 34.63 -25.69
N LEU B 352 -8.31 33.38 -25.83
CA LEU B 352 -8.08 32.76 -27.13
C LEU B 352 -9.38 32.22 -27.71
N GLY B 353 -10.48 32.36 -26.98
CA GLY B 353 -11.80 31.99 -27.48
C GLY B 353 -12.26 30.55 -27.29
N TYR B 354 -11.63 29.81 -26.39
CA TYR B 354 -12.06 28.43 -26.12
C TYR B 354 -13.18 28.40 -25.10
N ASP B 355 -14.02 27.38 -25.18
CA ASP B 355 -14.91 27.02 -24.07
C ASP B 355 -14.04 26.34 -23.03
N VAL B 356 -14.02 26.92 -21.84
CA VAL B 356 -13.15 26.54 -20.72
C VAL B 356 -14.00 26.30 -19.49
N TYR B 357 -13.78 25.17 -18.81
CA TYR B 357 -14.53 24.77 -17.62
C TYR B 357 -13.60 24.50 -16.44
N GLY B 358 -14.15 24.43 -15.23
CA GLY B 358 -13.34 24.13 -14.05
C GLY B 358 -12.56 25.33 -13.62
N GLY B 359 -11.46 25.08 -12.90
CA GLY B 359 -10.58 26.13 -12.40
C GLY B 359 -11.13 27.09 -11.35
N LYS B 360 -12.36 26.86 -10.89
CA LYS B 360 -12.99 27.70 -9.87
C LYS B 360 -12.85 27.04 -8.49
N ASN B 361 -13.14 25.75 -8.48
CA ASN B 361 -13.15 24.94 -7.26
C ASN B 361 -12.06 23.86 -7.23
N ALA B 362 -11.09 23.99 -8.15
CA ALA B 362 -10.09 22.92 -8.38
C ALA B 362 -8.86 23.47 -9.11
N PRO B 363 -7.71 22.79 -8.98
CA PRO B 363 -6.50 23.25 -9.66
C PRO B 363 -6.36 22.69 -11.09
N TYR B 364 -7.49 22.38 -11.72
CA TYR B 364 -7.50 21.89 -13.10
C TYR B 364 -8.41 22.78 -13.96
N VAL B 365 -7.98 22.98 -15.20
CA VAL B 365 -8.76 23.68 -16.19
C VAL B 365 -9.08 22.66 -17.28
N TRP B 366 -10.33 22.64 -17.70
CA TRP B 366 -10.89 21.63 -18.61
C TRP B 366 -11.30 22.37 -19.91
N VAL B 367 -10.49 22.19 -20.96
CA VAL B 367 -10.55 22.98 -22.20
C VAL B 367 -11.13 22.15 -23.37
N HIS B 368 -12.19 22.64 -24.00
CA HIS B 368 -12.83 21.95 -25.11
C HIS B 368 -12.11 22.26 -26.44
N PHE B 369 -11.64 21.21 -27.10
CA PHE B 369 -11.07 21.32 -28.46
C PHE B 369 -11.98 20.55 -29.41
N PRO B 370 -13.01 21.21 -29.96
CA PRO B 370 -13.99 20.53 -30.81
C PRO B 370 -13.35 20.02 -32.12
N ASN B 371 -13.89 18.92 -32.65
CA ASN B 371 -13.40 18.37 -33.92
C ASN B 371 -11.94 17.91 -33.96
N GLN B 372 -11.38 17.55 -32.80
CA GLN B 372 -10.03 17.01 -32.73
C GLN B 372 -9.95 15.95 -31.64
N SER B 373 -9.11 14.93 -31.82
CA SER B 373 -8.98 13.94 -30.77
C SER B 373 -8.10 14.55 -29.68
N SER B 374 -8.41 14.26 -28.43
CA SER B 374 -7.59 14.84 -27.37
C SER B 374 -6.14 14.35 -27.36
N TRP B 375 -5.91 13.09 -27.73
CA TRP B 375 -4.55 12.59 -27.90
C TRP B 375 -3.78 13.38 -28.98
N ASP B 376 -4.47 13.77 -30.06
CA ASP B 376 -3.81 14.53 -31.12
C ASP B 376 -3.47 15.94 -30.64
N VAL B 377 -4.40 16.54 -29.89
CA VAL B 377 -4.16 17.88 -29.33
C VAL B 377 -2.99 17.82 -28.34
N PHE B 378 -3.00 16.80 -27.47
CA PHE B 378 -1.91 16.60 -26.52
C PHE B 378 -0.57 16.61 -27.29
N ALA B 379 -0.51 15.79 -28.33
CA ALA B 379 0.70 15.58 -29.12
C ALA B 379 1.18 16.87 -29.82
N GLU B 380 0.22 17.62 -30.36
CA GLU B 380 0.52 18.88 -31.01
C GLU B 380 1.06 19.94 -30.06
N ILE B 381 0.41 20.09 -28.90
CA ILE B 381 0.85 21.03 -27.87
C ILE B 381 2.26 20.68 -27.41
N LEU B 382 2.53 19.39 -27.20
CA LEU B 382 3.84 18.99 -26.71
C LEU B 382 4.89 19.25 -27.78
N GLU B 383 4.58 18.84 -29.01
CA GLU B 383 5.53 19.02 -30.14
C GLU B 383 5.87 20.52 -30.38
N LYS B 384 4.84 21.36 -30.43
CA LYS B 384 5.00 22.77 -30.81
C LYS B 384 5.40 23.72 -29.70
N THR B 385 4.94 23.44 -28.47
CA THR B 385 5.16 24.38 -27.35
C THR B 385 6.02 23.78 -26.25
N HIS B 386 6.29 22.48 -26.32
CA HIS B 386 7.04 21.78 -25.27
C HIS B 386 6.32 21.93 -23.92
N VAL B 387 4.99 21.95 -23.97
CA VAL B 387 4.16 21.90 -22.75
C VAL B 387 3.39 20.58 -22.71
N VAL B 388 3.44 19.89 -21.57
CA VAL B 388 2.71 18.64 -21.35
C VAL B 388 1.32 18.97 -20.75
N THR B 389 0.26 18.43 -21.35
CA THR B 389 -1.10 18.53 -20.83
C THR B 389 -1.59 17.10 -20.62
N THR B 390 -2.89 16.90 -20.40
CA THR B 390 -3.42 15.54 -20.29
C THR B 390 -4.61 15.42 -21.22
N PRO B 391 -4.61 14.40 -22.10
CA PRO B 391 -5.75 14.27 -23.00
C PRO B 391 -7.01 13.84 -22.23
N GLY B 392 -8.13 14.48 -22.51
CA GLY B 392 -9.37 14.19 -21.78
C GLY B 392 -9.84 12.75 -21.95
N SER B 393 -9.57 12.16 -23.10
CA SER B 393 -9.96 10.75 -23.32
C SER B 393 -9.26 9.76 -22.37
N GLY B 394 -8.14 10.17 -21.76
CA GLY B 394 -7.52 9.39 -20.69
C GLY B 394 -8.40 9.25 -19.45
N PHE B 395 -9.40 10.11 -19.31
CA PHE B 395 -10.34 10.05 -18.18
C PHE B 395 -11.69 9.38 -18.48
N GLY B 396 -11.77 8.76 -19.64
CA GLY B 396 -12.98 8.06 -20.08
C GLY B 396 -13.55 8.70 -21.33
N PRO B 397 -14.56 8.05 -21.94
CA PRO B 397 -15.04 8.48 -23.26
C PRO B 397 -15.68 9.88 -23.24
N GLY B 398 -16.30 10.23 -22.11
CA GLY B 398 -16.82 11.59 -21.92
C GLY B 398 -15.75 12.66 -21.90
N GLY B 399 -14.49 12.26 -21.85
CA GLY B 399 -13.39 13.21 -21.91
C GLY B 399 -12.91 13.47 -23.32
N GLU B 400 -13.35 12.69 -24.30
CA GLU B 400 -12.91 12.93 -25.68
C GLU B 400 -13.27 14.35 -26.12
N GLY B 401 -12.31 15.00 -26.76
CA GLY B 401 -12.50 16.37 -27.24
C GLY B 401 -12.12 17.42 -26.22
N PHE B 402 -11.69 17.01 -25.03
CA PHE B 402 -11.23 17.96 -24.02
C PHE B 402 -9.76 17.71 -23.71
N VAL B 403 -9.10 18.73 -23.18
CA VAL B 403 -7.75 18.59 -22.65
C VAL B 403 -7.73 19.19 -21.22
N ARG B 404 -7.14 18.44 -20.29
CA ARG B 404 -6.94 18.93 -18.92
C ARG B 404 -5.62 19.62 -18.84
N VAL B 405 -5.63 20.80 -18.24
CA VAL B 405 -4.42 21.55 -17.95
C VAL B 405 -4.32 21.75 -16.44
N SER B 406 -3.23 21.28 -15.86
CA SER B 406 -2.96 21.41 -14.42
C SER B 406 -2.38 22.79 -14.09
N ALA B 407 -2.78 23.34 -12.94
CA ALA B 407 -2.26 24.65 -12.49
C ALA B 407 -1.09 24.56 -11.52
N PHE B 408 -0.67 23.34 -11.19
CA PHE B 408 0.46 23.15 -10.32
C PHE B 408 1.74 23.55 -11.06
N GLY B 409 2.44 24.55 -10.56
CA GLY B 409 3.73 24.91 -11.14
C GLY B 409 4.24 26.18 -10.53
N HIS B 410 5.54 26.40 -10.69
CA HIS B 410 6.12 27.67 -10.29
C HIS B 410 5.42 28.74 -11.11
N ARG B 411 5.29 29.93 -10.54
CA ARG B 411 4.54 30.99 -11.18
C ARG B 411 5.13 31.35 -12.56
N GLU B 412 6.45 31.42 -12.65
CA GLU B 412 7.08 31.79 -13.91
C GLU B 412 6.85 30.73 -15.01
N ASN B 413 6.76 29.46 -14.61
CA ASN B 413 6.41 28.39 -15.56
C ASN B 413 4.97 28.42 -16.05
N ILE B 414 4.05 28.76 -15.17
CA ILE B 414 2.67 28.93 -15.58
C ILE B 414 2.56 30.08 -16.57
N LEU B 415 3.18 31.22 -16.24
CA LEU B 415 3.18 32.39 -17.12
C LEU B 415 3.79 32.08 -18.50
N GLU B 416 4.94 31.41 -18.48
CA GLU B 416 5.63 31.01 -19.70
C GLU B 416 4.78 30.03 -20.53
N ALA B 417 4.17 29.04 -19.88
CA ALA B 417 3.27 28.12 -20.60
C ALA B 417 2.11 28.86 -21.28
N CYS B 418 1.52 29.80 -20.56
CA CYS B 418 0.43 30.57 -21.11
C CYS B 418 0.89 31.45 -22.26
N ARG B 419 2.06 32.06 -22.13
CA ARG B 419 2.56 32.83 -23.27
C ARG B 419 2.80 31.96 -24.51
N ARG B 420 3.31 30.73 -24.32
CA ARG B 420 3.43 29.75 -25.41
C ARG B 420 2.08 29.34 -26.03
N PHE B 421 1.05 29.13 -25.20
CA PHE B 421 -0.28 28.80 -25.72
C PHE B 421 -0.81 29.96 -26.58
N LYS B 422 -0.63 31.18 -26.08
CA LYS B 422 -1.15 32.36 -26.78
C LYS B 422 -0.47 32.54 -28.13
N GLN B 423 0.86 32.42 -28.14
CA GLN B 423 1.64 32.49 -29.36
C GLN B 423 1.21 31.41 -30.37
N LEU B 424 1.05 30.16 -29.91
CA LEU B 424 0.55 29.09 -30.78
C LEU B 424 -0.85 29.33 -31.38
N TYR B 425 -1.77 29.84 -30.56
CA TYR B 425 -3.19 29.80 -30.92
C TYR B 425 -3.79 31.15 -31.31
N LYS B 426 -3.08 32.25 -31.07
CA LYS B 426 -3.70 33.57 -31.28
C LYS B 426 -4.10 33.90 -32.71
N HIS B 427 -3.37 33.36 -33.70
CA HIS B 427 -3.64 33.69 -35.11
C HIS B 427 -4.62 32.72 -35.79
N HIS B 428 -5.19 31.82 -35.00
CA HIS B 428 -6.13 30.82 -35.52
C HIS B 428 -7.48 30.93 -34.84
N HIS B 429 -7.45 31.41 -33.60
CA HIS B 429 -8.59 31.34 -32.68
C HIS B 429 -8.92 32.73 -32.11
#